data_5XOW
#
_entry.id   5XOW
#
_cell.length_a   200.824
_cell.length_b   200.824
_cell.length_c   200.824
_cell.angle_alpha   90.00
_cell.angle_beta   90.00
_cell.angle_gamma   90.00
#
_symmetry.space_group_name_H-M   'P 41 3 2'
#
loop_
_entity.id
_entity.type
_entity.pdbx_description
1 polymer 'TtAgo (D546N)'
2 polymer "DNA (5'-D(P*(TD)P*GP*AP*GP*GP*TP*AP*GP*TP*AP*GP*GP*TP*TP*GP*TP*AP*TP*AP*GP*T)-3')"
3 polymer "RNA (5'-R(P*UP*AP*CP*AP*AP*CP*CP*UP*AP*CP*UP*AP*AP*CP*CP*UP*CP*G)-3')"
4 non-polymer 'MAGNESIUM ION'
#
loop_
_entity_poly.entity_id
_entity_poly.type
_entity_poly.pdbx_seq_one_letter_code
_entity_poly.pdbx_strand_id
1 'polypeptide(L)'
;MNHLGKTEVFLNRFALRPLNPEELRPWRLEVVLDPPPGREEVYPLLAQVARRAGGVTVRMGDGLASWSPPEVLVLEGTLA
RMGQTYAYRLYPKGRRPLDPKDPGERSVLSALARRLLQERLRRLEGVWVEGLAVYRREHARGPGWRVLGGAVLDLWVSDS
GAFLLEVDPAYRILCEMSLEAWLAQGHPLPKRVRNAYDRRTWELLRLGEEDPKELPLPGGLSLLDYHASKGRLQGREGGR
VAWVADPKDPRKPIPHLTGLLVPVLTLEDLHEEEGSLALSLPWEERRRRTREIASWIGRRLGLGTPEAVRAQAYRLSIPK
LMGRRAVSKPADALRVGFYRAQETALALLRLDGAQGWPEFLRRALLRAFGASGASLRLHTLHAHPSQGLAFREALRKAKE
EGVQAVLVLTPPMAWEDRNRLKALLLREGLPSQILNVPLREEERHRWENALLGLLAKAGLQVVALSGAYPAELAVGFDAG
GRESFRFGGAACAVGGDGGHLLWTLPEAQAGERIPQEVVWDLLEETLWAFRRKAGRLPSRVLLLRNGRVPQDEFALALEA
LAREGIAYDLVSVRKSGGGRVYPVQGRLADGLYVPLEDKTFLLLTVHRDFRGTPRPLKLVHEAGDTPLEALAHQIFHLTR
LYPASGFAFPRLPAPLHLADRLVKEVGRLGIRHLKEVDREKLFFV
;
A
2 'polydeoxyribonucleotide'
;(DT)(DG)(DA)(DG)(DG)(DT)(DA)(DG)(DT)(DA)(DG)(DG)(DT)(DT)(DG)(DT)(DA)(DT)(DA)(DG)
(DT)
;
C
3 'polyribonucleotide' UAUACAACCUACUAACCUCG G
#
# COMPACT_ATOMS: atom_id res chain seq x y z
N ASN A 2 -9.63 32.30 9.47
CA ASN A 2 -9.81 30.87 9.25
C ASN A 2 -10.87 30.30 10.18
N HIS A 3 -11.74 29.46 9.62
CA HIS A 3 -12.81 28.83 10.38
C HIS A 3 -12.39 27.45 10.91
N LEU A 4 -11.11 27.14 10.76
CA LEU A 4 -10.60 25.85 11.24
C LEU A 4 -9.73 25.98 12.48
N GLY A 5 -9.80 25.00 13.39
CA GLY A 5 -9.02 25.05 14.62
C GLY A 5 -7.55 24.75 14.39
N LYS A 6 -6.65 25.64 14.78
CA LYS A 6 -5.20 25.41 14.69
C LYS A 6 -4.76 24.39 15.73
N THR A 7 -3.71 23.65 15.39
CA THR A 7 -3.02 22.81 16.37
C THR A 7 -1.59 22.79 15.89
N GLU A 8 -0.62 22.64 16.79
CA GLU A 8 0.76 22.44 16.36
C GLU A 8 1.07 20.96 16.39
N VAL A 9 1.90 20.53 15.43
CA VAL A 9 2.36 19.16 15.40
C VAL A 9 3.86 19.07 15.25
N PHE A 10 4.41 17.95 15.68
CA PHE A 10 5.76 17.55 15.39
C PHE A 10 5.73 16.65 14.16
N LEU A 11 6.71 16.80 13.29
CA LEU A 11 6.99 15.78 12.29
C LEU A 11 8.04 14.85 12.86
N ASN A 12 8.24 13.69 12.25
CA ASN A 12 9.29 12.81 12.71
C ASN A 12 10.61 13.20 12.05
N ARG A 13 10.80 14.50 11.90
CA ARG A 13 12.03 15.04 11.36
C ARG A 13 12.69 15.89 12.44
N PHE A 14 14.01 15.99 12.38
CA PHE A 14 14.76 16.78 13.33
C PHE A 14 15.79 17.62 12.61
N ALA A 15 15.88 18.89 13.01
CA ALA A 15 16.85 19.78 12.41
C ALA A 15 18.18 19.62 13.10
N LEU A 16 19.25 19.55 12.31
CA LEU A 16 20.58 19.48 12.86
C LEU A 16 21.43 20.63 12.33
N ARG A 17 22.68 20.67 12.78
CA ARG A 17 23.64 21.71 12.44
C ARG A 17 23.62 22.07 10.94
N PRO A 18 23.96 23.32 10.62
CA PRO A 18 24.17 23.74 9.23
C PRO A 18 25.51 23.25 8.70
N LEU A 19 25.56 22.81 7.44
CA LEU A 19 26.76 22.19 6.91
C LEU A 19 27.93 23.15 7.01
N ASN A 20 29.09 22.61 7.33
CA ASN A 20 30.31 23.41 7.40
C ASN A 20 31.00 23.52 6.04
N PRO A 21 32.01 24.40 5.92
CA PRO A 21 32.73 24.58 4.64
C PRO A 21 33.15 23.28 3.97
N GLU A 22 33.92 22.48 4.69
CA GLU A 22 34.45 21.23 4.16
C GLU A 22 33.37 20.23 3.68
N GLU A 23 32.13 20.45 4.09
CA GLU A 23 31.02 19.57 3.71
C GLU A 23 30.33 20.13 2.48
N LEU A 24 30.37 21.45 2.34
CA LEU A 24 29.78 22.15 1.19
C LEU A 24 30.70 22.09 -0.03
N ARG A 25 32.00 21.92 0.19
CA ARG A 25 32.96 21.84 -0.91
C ARG A 25 33.59 20.44 -0.99
N PRO A 26 32.88 19.49 -1.63
CA PRO A 26 33.32 18.10 -1.77
C PRO A 26 34.37 17.92 -2.84
N TRP A 27 35.21 16.92 -2.67
CA TRP A 27 36.14 16.49 -3.71
C TRP A 27 35.41 16.11 -4.98
N ARG A 28 35.76 16.75 -6.09
CA ARG A 28 35.11 16.38 -7.34
C ARG A 28 36.00 15.36 -8.02
N LEU A 29 35.45 14.63 -8.97
CA LEU A 29 36.23 13.63 -9.66
C LEU A 29 35.65 13.41 -11.06
N GLU A 30 36.52 13.02 -11.97
CA GLU A 30 36.14 12.71 -13.35
C GLU A 30 36.24 11.22 -13.54
N VAL A 31 35.29 10.67 -14.28
CA VAL A 31 35.22 9.24 -14.48
C VAL A 31 35.48 8.84 -15.91
N VAL A 32 36.50 8.01 -16.09
CA VAL A 32 36.87 7.52 -17.41
C VAL A 32 36.66 6.01 -17.47
N LEU A 33 35.52 5.64 -18.05
CA LEU A 33 35.08 4.26 -18.19
C LEU A 33 35.44 3.70 -19.56
N ASP A 34 36.05 2.51 -19.60
CA ASP A 34 36.40 1.89 -20.87
C ASP A 34 36.05 0.40 -20.84
N PRO A 35 35.17 -0.06 -21.75
CA PRO A 35 34.48 0.62 -22.87
C PRO A 35 33.56 1.73 -22.41
N PRO A 36 33.52 2.86 -23.15
CA PRO A 36 32.63 3.95 -22.79
C PRO A 36 31.20 3.45 -22.61
N PRO A 37 30.47 4.01 -21.63
CA PRO A 37 29.14 3.52 -21.24
C PRO A 37 28.13 3.54 -22.37
N GLY A 38 26.95 2.98 -22.10
CA GLY A 38 25.83 3.06 -23.01
C GLY A 38 25.15 4.38 -22.72
N ARG A 39 23.83 4.39 -22.73
CA ARG A 39 23.07 5.59 -22.39
C ARG A 39 22.13 5.23 -21.25
N GLU A 40 21.58 4.03 -21.31
CA GLU A 40 20.70 3.55 -20.24
C GLU A 40 21.56 2.93 -19.15
N GLU A 41 22.85 2.80 -19.42
CA GLU A 41 23.75 2.13 -18.49
C GLU A 41 24.81 3.08 -17.90
N VAL A 42 24.68 4.39 -18.16
CA VAL A 42 25.63 5.37 -17.63
C VAL A 42 25.56 5.50 -16.11
N TYR A 43 24.44 6.01 -15.63
CA TYR A 43 24.22 6.23 -14.20
C TYR A 43 24.38 4.97 -13.35
N PRO A 44 23.78 3.84 -13.75
CA PRO A 44 23.98 2.62 -12.95
C PRO A 44 25.46 2.23 -12.74
N LEU A 45 26.29 2.45 -13.76
CA LEU A 45 27.70 2.11 -13.65
C LEU A 45 28.44 3.18 -12.87
N LEU A 46 28.02 4.43 -13.02
CA LEU A 46 28.62 5.52 -12.27
C LEU A 46 28.40 5.26 -10.78
N ALA A 47 27.19 4.84 -10.46
CA ALA A 47 26.86 4.53 -9.07
C ALA A 47 27.65 3.31 -8.60
N GLN A 48 27.79 2.28 -9.45
CA GLN A 48 28.61 1.15 -9.03
C GLN A 48 30.10 1.50 -8.96
N VAL A 49 30.45 2.70 -9.42
CA VAL A 49 31.83 3.15 -9.36
C VAL A 49 32.04 3.91 -8.08
N ALA A 50 31.03 4.70 -7.73
CA ALA A 50 31.03 5.35 -6.45
C ALA A 50 31.10 4.30 -5.35
N ARG A 51 30.27 3.25 -5.47
CA ARG A 51 30.32 2.16 -4.50
C ARG A 51 31.61 1.36 -4.54
N ARG A 52 32.26 1.26 -5.70
CA ARG A 52 33.49 0.46 -5.80
C ARG A 52 34.74 1.26 -5.43
N ALA A 53 34.57 2.57 -5.29
CA ALA A 53 35.67 3.44 -4.93
C ALA A 53 35.71 3.61 -3.41
N GLY A 54 34.58 3.37 -2.76
CA GLY A 54 34.51 3.51 -1.32
C GLY A 54 34.49 4.92 -0.77
N GLY A 55 34.42 5.02 0.55
CA GLY A 55 34.40 6.31 1.22
C GLY A 55 33.04 6.96 1.04
N VAL A 56 32.93 8.22 1.46
CA VAL A 56 31.66 8.92 1.35
C VAL A 56 31.55 9.53 -0.05
N THR A 57 31.36 8.66 -1.04
CA THR A 57 31.31 9.08 -2.45
C THR A 57 29.96 8.79 -3.09
N VAL A 58 29.45 9.80 -3.81
CA VAL A 58 28.19 9.67 -4.54
C VAL A 58 28.38 10.18 -5.96
N ARG A 59 27.68 9.62 -6.92
CA ARG A 59 27.81 10.09 -8.28
C ARG A 59 27.32 11.54 -8.40
N MET A 60 27.94 12.30 -9.28
CA MET A 60 27.51 13.67 -9.54
C MET A 60 27.68 13.97 -11.02
N GLY A 61 26.54 14.12 -11.68
CA GLY A 61 26.49 14.33 -13.12
C GLY A 61 27.16 13.19 -13.87
N ASP A 62 28.22 13.55 -14.61
CA ASP A 62 29.00 12.60 -15.39
C ASP A 62 30.27 12.19 -14.66
N GLY A 63 30.47 12.74 -13.47
CA GLY A 63 31.61 12.37 -12.65
C GLY A 63 31.18 11.96 -11.25
N LEU A 64 32.02 12.17 -10.24
CA LEU A 64 31.59 11.89 -8.88
C LEU A 64 31.96 12.92 -7.83
N ALA A 65 31.13 13.03 -6.79
CA ALA A 65 31.45 13.83 -5.63
C ALA A 65 31.94 12.94 -4.48
N SER A 66 32.61 13.55 -3.52
CA SER A 66 33.18 12.80 -2.40
C SER A 66 33.43 13.63 -1.16
N TRP A 67 33.24 13.03 0.00
CA TRP A 67 33.63 13.68 1.24
C TRP A 67 34.85 12.98 1.79
N SER A 68 35.52 12.25 0.90
CA SER A 68 36.74 11.53 1.25
C SER A 68 37.89 12.02 0.36
N PRO A 69 39.10 12.05 0.93
CA PRO A 69 40.31 12.39 0.19
C PRO A 69 40.62 11.32 -0.85
N PRO A 70 41.04 11.74 -2.05
CA PRO A 70 41.39 10.77 -3.10
C PRO A 70 42.40 9.72 -2.63
N GLU A 71 43.18 10.07 -1.60
CA GLU A 71 44.25 9.19 -1.11
C GLU A 71 43.73 7.96 -0.38
N VAL A 72 42.41 7.86 -0.25
CA VAL A 72 41.78 6.67 0.34
C VAL A 72 40.70 6.13 -0.59
N LEU A 73 40.75 6.56 -1.84
CA LEU A 73 39.79 6.15 -2.87
C LEU A 73 40.41 5.28 -3.94
N VAL A 74 39.79 4.14 -4.23
CA VAL A 74 40.24 3.32 -5.35
C VAL A 74 40.00 4.11 -6.64
N LEU A 75 41.08 4.63 -7.21
CA LEU A 75 41.05 5.51 -8.37
C LEU A 75 41.10 4.74 -9.68
N GLU A 76 41.64 3.53 -9.58
CA GLU A 76 41.75 2.60 -10.70
C GLU A 76 41.06 1.28 -10.41
N GLY A 77 40.19 0.83 -11.31
CA GLY A 77 39.51 -0.42 -11.10
C GLY A 77 38.79 -1.02 -12.30
N THR A 78 37.89 -1.97 -12.03
CA THR A 78 37.15 -2.73 -13.07
C THR A 78 35.85 -3.24 -12.47
N LEU A 79 34.76 -2.97 -13.16
CA LEU A 79 33.48 -3.47 -12.73
C LEU A 79 32.69 -4.18 -13.86
N ALA A 80 31.95 -5.24 -13.51
CA ALA A 80 31.23 -6.04 -14.50
C ALA A 80 29.72 -5.80 -14.47
N ARG A 81 29.21 -5.12 -15.49
CA ARG A 81 27.78 -4.87 -15.61
C ARG A 81 27.09 -5.98 -16.41
N MET A 82 25.97 -5.63 -17.03
CA MET A 82 25.19 -6.60 -17.79
C MET A 82 25.98 -7.13 -18.98
N GLY A 83 26.78 -8.16 -18.76
CA GLY A 83 27.52 -8.79 -19.84
C GLY A 83 28.93 -8.25 -20.04
N GLN A 84 29.07 -6.94 -20.18
CA GLN A 84 30.36 -6.34 -20.50
C GLN A 84 31.16 -6.05 -19.24
N THR A 85 32.48 -6.18 -19.33
CA THR A 85 33.37 -5.88 -18.22
C THR A 85 34.15 -4.60 -18.48
N TYR A 86 33.84 -3.55 -17.73
CA TYR A 86 34.46 -2.25 -17.94
C TYR A 86 35.57 -2.01 -16.93
N ALA A 87 36.42 -1.02 -17.22
CA ALA A 87 37.43 -0.62 -16.28
C ALA A 87 37.36 0.89 -16.10
N TYR A 88 37.36 1.32 -14.84
CA TYR A 88 37.23 2.73 -14.53
C TYR A 88 38.54 3.34 -14.00
N ARG A 89 38.60 4.68 -14.16
CA ARG A 89 39.70 5.53 -13.70
C ARG A 89 39.17 6.87 -13.27
N LEU A 90 39.70 7.32 -12.13
CA LEU A 90 39.23 8.52 -11.43
C LEU A 90 40.26 9.63 -11.51
N TYR A 91 39.82 10.82 -11.90
CA TYR A 91 40.72 11.95 -12.05
C TYR A 91 40.23 13.10 -11.19
N PRO A 92 40.83 13.28 -10.01
CA PRO A 92 40.47 14.30 -9.01
C PRO A 92 40.40 15.71 -9.56
N LYS A 93 39.22 16.08 -10.06
CA LYS A 93 38.97 17.41 -10.62
C LYS A 93 38.87 18.50 -9.54
N GLY A 94 39.73 18.49 -8.54
CA GLY A 94 39.71 19.55 -7.54
C GLY A 94 38.74 19.35 -6.38
N ARG A 95 38.00 20.43 -6.06
CA ARG A 95 36.97 20.45 -5.01
C ARG A 95 36.04 21.64 -5.18
N ARG A 96 35.07 21.54 -6.08
CA ARG A 96 34.12 22.63 -6.25
C ARG A 96 33.05 22.61 -5.17
N PRO A 97 32.59 23.79 -4.73
CA PRO A 97 31.50 23.88 -3.75
C PRO A 97 30.12 23.70 -4.37
N LEU A 98 29.15 23.20 -3.61
CA LEU A 98 27.81 23.11 -4.14
C LEU A 98 26.89 24.05 -3.38
N ASP A 99 25.71 24.33 -3.92
CA ASP A 99 24.82 25.34 -3.35
C ASP A 99 23.50 24.65 -3.05
N PRO A 100 23.12 24.60 -1.76
CA PRO A 100 21.90 23.95 -1.26
C PRO A 100 20.59 24.39 -1.92
N LYS A 101 20.50 25.59 -2.50
CA LYS A 101 19.25 26.03 -3.12
C LYS A 101 19.06 25.27 -4.44
N ASP A 102 20.13 25.15 -5.24
CA ASP A 102 20.13 24.40 -6.50
C ASP A 102 19.66 22.97 -6.20
N PRO A 103 18.43 22.63 -6.63
CA PRO A 103 17.78 21.34 -6.39
C PRO A 103 18.67 20.11 -6.59
N GLY A 104 19.33 19.96 -7.74
CA GLY A 104 20.14 18.77 -7.96
C GLY A 104 21.50 18.81 -7.29
N GLU A 105 21.83 19.99 -6.75
CA GLU A 105 23.08 20.14 -6.04
C GLU A 105 22.82 19.71 -4.63
N ARG A 106 21.72 20.19 -4.03
CA ARG A 106 21.43 19.68 -2.71
C ARG A 106 21.05 18.21 -2.84
N SER A 107 20.55 17.80 -4.00
CA SER A 107 20.39 16.36 -4.28
C SER A 107 21.69 15.58 -4.08
N VAL A 108 22.80 16.24 -4.41
CA VAL A 108 24.10 15.62 -4.22
C VAL A 108 24.59 15.73 -2.78
N LEU A 109 24.44 16.91 -2.21
CA LEU A 109 24.77 17.12 -0.80
C LEU A 109 24.04 16.09 0.08
N SER A 110 22.73 15.99 -0.09
CA SER A 110 21.90 15.00 0.61
C SER A 110 22.33 13.57 0.33
N ALA A 111 22.69 13.28 -0.92
CA ALA A 111 23.21 11.95 -1.26
C ALA A 111 24.41 11.63 -0.36
N LEU A 112 25.30 12.61 -0.24
CA LEU A 112 26.51 12.43 0.55
C LEU A 112 26.15 12.28 2.02
N ALA A 113 25.17 13.07 2.50
CA ALA A 113 24.70 12.99 3.87
C ALA A 113 24.23 11.58 4.23
N ARG A 114 23.41 11.02 3.36
CA ARG A 114 22.90 9.67 3.51
C ARG A 114 24.01 8.61 3.49
N ARG A 115 25.03 8.83 2.67
CA ARG A 115 26.13 7.85 2.60
C ARG A 115 26.96 7.95 3.87
N LEU A 116 27.16 9.17 4.33
CA LEU A 116 27.83 9.47 5.59
C LEU A 116 27.13 8.71 6.71
N LEU A 117 25.85 9.00 6.90
CA LEU A 117 25.03 8.38 7.94
C LEU A 117 25.21 6.87 7.91
N GLN A 118 25.18 6.31 6.71
CA GLN A 118 25.29 4.86 6.55
C GLN A 118 26.67 4.35 6.99
N GLU A 119 27.70 5.15 6.75
CA GLU A 119 29.05 4.69 7.07
C GLU A 119 29.29 4.80 8.58
N ARG A 120 28.83 5.91 9.17
CA ARG A 120 28.87 6.08 10.62
C ARG A 120 28.14 4.93 11.31
N LEU A 121 27.05 4.50 10.70
CA LEU A 121 26.28 3.40 11.25
C LEU A 121 27.02 2.07 11.09
N ARG A 122 27.76 1.92 9.99
CA ARG A 122 28.39 0.63 9.73
C ARG A 122 29.47 0.37 10.78
N ARG A 123 30.07 1.45 11.30
CA ARG A 123 31.15 1.31 12.26
C ARG A 123 30.72 1.15 13.73
N LEU A 124 29.42 1.23 14.02
CA LEU A 124 28.98 1.06 15.39
C LEU A 124 28.98 -0.39 15.82
N GLU A 125 29.39 -0.64 17.06
CA GLU A 125 29.66 -2.00 17.53
C GLU A 125 28.46 -2.91 17.84
N GLY A 126 27.67 -2.56 18.86
CA GLY A 126 26.62 -3.45 19.31
C GLY A 126 25.40 -3.53 18.42
N VAL A 127 25.29 -2.55 17.54
CA VAL A 127 24.09 -2.34 16.74
C VAL A 127 24.07 -3.23 15.50
N TRP A 128 22.87 -3.61 15.07
CA TRP A 128 22.75 -4.28 13.78
C TRP A 128 22.24 -3.24 12.78
N VAL A 129 22.86 -3.18 11.60
CA VAL A 129 22.56 -2.15 10.62
C VAL A 129 22.27 -2.67 9.22
N GLU A 130 21.01 -2.60 8.81
CA GLU A 130 20.61 -2.98 7.46
C GLU A 130 20.30 -1.76 6.60
N GLY A 131 21.29 -1.31 5.83
CA GLY A 131 21.08 -0.12 5.04
C GLY A 131 21.07 1.12 5.90
N LEU A 132 19.89 1.72 6.02
CA LEU A 132 19.72 2.87 6.89
C LEU A 132 18.92 2.47 8.13
N ALA A 133 18.44 1.24 8.17
CA ALA A 133 17.83 0.73 9.40
C ALA A 133 18.89 0.43 10.46
N VAL A 134 18.60 0.83 11.69
CA VAL A 134 19.42 0.46 12.85
C VAL A 134 18.61 -0.20 13.95
N TYR A 135 19.07 -1.37 14.39
CA TYR A 135 18.44 -2.06 15.51
C TYR A 135 19.42 -2.14 16.66
N ARG A 136 18.96 -1.71 17.82
CA ARG A 136 19.88 -1.48 18.91
C ARG A 136 19.48 -2.04 20.27
N ARG A 137 18.26 -2.54 20.45
CA ARG A 137 17.86 -2.89 21.79
C ARG A 137 16.92 -4.09 21.70
N GLU A 138 17.18 -5.15 22.48
CA GLU A 138 16.22 -6.24 22.59
C GLU A 138 14.87 -5.72 23.06
N HIS A 139 13.80 -6.15 22.40
CA HIS A 139 12.47 -5.61 22.67
C HIS A 139 11.57 -6.71 23.20
N ALA A 140 11.76 -7.91 22.66
CA ALA A 140 11.07 -9.09 23.13
C ALA A 140 11.96 -10.29 22.89
N ARG A 141 11.59 -11.42 23.48
CA ARG A 141 12.41 -12.61 23.37
C ARG A 141 11.72 -13.85 23.94
N GLY A 142 12.17 -15.00 23.45
CA GLY A 142 11.69 -16.28 23.91
C GLY A 142 12.77 -17.28 23.59
N PRO A 143 12.47 -18.58 23.72
CA PRO A 143 13.51 -19.57 23.45
C PRO A 143 13.82 -19.65 21.96
N GLY A 144 15.03 -19.24 21.59
CA GLY A 144 15.49 -19.37 20.22
C GLY A 144 15.29 -18.14 19.35
N TRP A 145 14.36 -17.29 19.75
CA TRP A 145 14.07 -16.07 18.98
C TRP A 145 14.25 -14.81 19.82
N ARG A 146 14.45 -13.70 19.15
CA ARG A 146 14.41 -12.40 19.81
C ARG A 146 13.95 -11.33 18.81
N VAL A 147 13.33 -10.28 19.31
CA VAL A 147 12.89 -9.18 18.47
C VAL A 147 13.71 -7.95 18.83
N LEU A 148 14.43 -7.43 17.85
CA LEU A 148 15.22 -6.24 18.04
C LEU A 148 14.46 -4.99 17.65
N GLY A 149 14.74 -3.93 18.40
CA GLY A 149 14.11 -2.65 18.21
C GLY A 149 15.16 -1.63 17.84
N GLY A 150 14.74 -0.73 16.96
CA GLY A 150 15.56 0.37 16.49
C GLY A 150 14.71 1.36 15.72
N ALA A 151 15.25 1.82 14.59
CA ALA A 151 14.54 2.78 13.74
C ALA A 151 15.17 2.86 12.35
N VAL A 152 14.32 3.06 11.34
CA VAL A 152 14.83 3.42 10.02
C VAL A 152 15.11 4.91 10.06
N LEU A 153 16.17 5.30 9.36
CA LEU A 153 16.62 6.68 9.43
C LEU A 153 16.83 7.28 8.05
N ASP A 154 17.08 8.58 8.02
CA ASP A 154 17.43 9.28 6.80
C ASP A 154 18.13 10.59 7.11
N LEU A 155 19.13 10.91 6.30
CA LEU A 155 19.88 12.15 6.41
C LEU A 155 19.95 12.88 5.08
N TRP A 156 19.39 14.07 5.05
CA TRP A 156 19.45 14.87 3.82
C TRP A 156 19.80 16.32 4.15
N VAL A 157 19.95 17.15 3.11
CA VAL A 157 20.35 18.54 3.33
C VAL A 157 19.20 19.50 3.04
N SER A 158 19.09 20.53 3.88
CA SER A 158 18.06 21.56 3.75
C SER A 158 18.23 22.39 2.49
N ASP A 159 17.22 23.21 2.20
CA ASP A 159 17.39 24.26 1.22
C ASP A 159 18.29 25.31 1.87
N SER A 160 18.16 25.43 3.19
CA SER A 160 18.92 26.40 3.96
C SER A 160 20.23 25.85 4.51
N GLY A 161 20.78 24.81 3.88
CA GLY A 161 22.11 24.33 4.23
C GLY A 161 22.28 23.59 5.55
N ALA A 162 21.20 23.03 6.10
CA ALA A 162 21.27 22.31 7.37
C ALA A 162 21.07 20.81 7.15
N PHE A 163 21.51 20.01 8.13
CA PHE A 163 21.21 18.58 8.10
C PHE A 163 19.82 18.30 8.62
N LEU A 164 19.17 17.34 7.98
CA LEU A 164 17.86 16.88 8.39
C LEU A 164 17.80 15.38 8.62
N LEU A 165 17.29 15.01 9.79
CA LEU A 165 17.18 13.62 10.25
C LEU A 165 15.75 13.13 10.26
N GLU A 166 15.51 11.98 9.66
CA GLU A 166 14.19 11.37 9.74
C GLU A 166 14.35 10.09 10.52
N VAL A 167 13.42 9.86 11.45
CA VAL A 167 13.51 8.74 12.35
C VAL A 167 12.14 8.09 12.43
N ASP A 168 12.08 6.77 12.28
CA ASP A 168 10.83 6.08 12.54
C ASP A 168 11.12 4.70 13.11
N PRO A 169 10.72 4.49 14.38
CA PRO A 169 10.95 3.24 15.12
C PRO A 169 10.62 2.02 14.27
N ALA A 170 11.49 1.02 14.30
CA ALA A 170 11.31 -0.16 13.47
C ALA A 170 11.76 -1.40 14.20
N TYR A 171 11.16 -2.54 13.86
CA TYR A 171 11.49 -3.78 14.52
C TYR A 171 11.95 -4.86 13.54
N ARG A 172 12.74 -5.79 14.07
CA ARG A 172 13.20 -7.00 13.38
C ARG A 172 13.02 -8.28 14.18
N ILE A 173 12.35 -9.26 13.57
CA ILE A 173 12.14 -10.55 14.21
C ILE A 173 13.23 -11.52 13.79
N LEU A 174 13.94 -12.08 14.77
CA LEU A 174 14.99 -13.05 14.48
C LEU A 174 14.73 -14.38 15.14
N CYS A 175 14.76 -15.43 14.33
CA CYS A 175 14.78 -16.79 14.84
C CYS A 175 16.12 -17.40 14.51
N GLU A 176 16.79 -17.96 15.51
CA GLU A 176 18.14 -18.43 15.30
C GLU A 176 18.18 -19.92 15.66
N MET A 177 16.99 -20.43 15.99
CA MET A 177 16.79 -21.85 16.30
C MET A 177 16.47 -22.67 15.06
N SER A 178 16.67 -23.97 15.14
CA SER A 178 16.35 -24.88 14.05
C SER A 178 14.88 -25.28 14.10
N LEU A 179 14.35 -25.75 12.97
CA LEU A 179 12.99 -26.27 12.92
C LEU A 179 12.75 -27.36 13.95
N GLU A 180 13.68 -28.29 14.04
CA GLU A 180 13.60 -29.38 15.01
C GLU A 180 13.26 -28.87 16.41
N ALA A 181 14.07 -27.96 16.94
CA ALA A 181 13.83 -27.43 18.28
C ALA A 181 12.46 -26.73 18.39
N TRP A 182 12.19 -25.85 17.44
CA TRP A 182 10.89 -25.17 17.33
C TRP A 182 9.72 -26.15 17.51
N LEU A 183 9.69 -27.18 16.68
CA LEU A 183 8.61 -28.16 16.68
C LEU A 183 8.63 -29.02 17.93
N ALA A 184 9.82 -29.22 18.49
CA ALA A 184 9.99 -30.04 19.68
C ALA A 184 9.43 -29.32 20.89
N GLN A 185 9.37 -27.99 20.84
CA GLN A 185 8.73 -27.26 21.93
C GLN A 185 7.22 -27.13 21.72
N GLY A 186 6.67 -27.90 20.80
CA GLY A 186 5.24 -28.04 20.67
C GLY A 186 4.52 -26.99 19.85
N HIS A 187 5.29 -26.15 19.17
CA HIS A 187 4.70 -25.11 18.31
C HIS A 187 4.27 -25.71 16.98
N PRO A 188 3.43 -24.97 16.24
CA PRO A 188 2.97 -25.46 14.94
C PRO A 188 3.98 -25.17 13.84
N LEU A 189 3.84 -25.89 12.74
CA LEU A 189 4.67 -25.68 11.57
C LEU A 189 4.50 -24.25 11.08
N PRO A 190 5.62 -23.61 10.71
CA PRO A 190 5.61 -22.28 10.11
C PRO A 190 5.40 -22.43 8.62
N LYS A 191 4.72 -21.48 7.99
CA LYS A 191 4.48 -21.56 6.55
C LYS A 191 5.77 -21.46 5.75
N ARG A 192 6.71 -20.63 6.19
CA ARG A 192 7.98 -20.56 5.49
C ARG A 192 9.19 -20.90 6.34
N VAL A 193 10.29 -21.22 5.67
CA VAL A 193 11.43 -21.79 6.37
C VAL A 193 12.68 -21.53 5.53
N ARG A 194 13.78 -21.16 6.18
CA ARG A 194 15.00 -20.79 5.47
C ARG A 194 16.08 -21.84 5.71
N ASN A 195 17.03 -21.95 4.79
CA ASN A 195 18.18 -22.84 5.00
C ASN A 195 19.00 -22.32 6.16
N ALA A 196 19.56 -23.22 6.96
CA ALA A 196 20.39 -22.82 8.09
C ALA A 196 21.78 -22.42 7.63
N TYR A 197 22.13 -22.80 6.41
CA TYR A 197 23.47 -22.60 5.90
C TYR A 197 23.54 -21.51 4.83
N ASP A 198 22.38 -20.96 4.48
CA ASP A 198 22.32 -19.82 3.56
C ASP A 198 20.93 -19.19 3.60
N ARG A 199 20.67 -18.28 2.67
CA ARG A 199 19.45 -17.47 2.68
C ARG A 199 18.27 -18.09 1.94
N ARG A 200 18.54 -19.11 1.14
CA ARG A 200 17.52 -19.79 0.32
C ARG A 200 16.32 -20.14 1.18
N THR A 201 15.16 -19.62 0.78
CA THR A 201 13.96 -19.84 1.56
C THR A 201 12.84 -20.56 0.83
N TRP A 202 12.20 -21.47 1.56
CA TRP A 202 11.22 -22.38 1.01
C TRP A 202 9.88 -22.18 1.72
N GLU A 203 8.85 -22.82 1.18
CA GLU A 203 7.59 -23.01 1.87
C GLU A 203 7.61 -24.39 2.50
N LEU A 204 7.16 -24.51 3.75
CA LEU A 204 7.21 -25.81 4.41
C LEU A 204 5.90 -26.54 4.18
N LEU A 205 5.96 -27.61 3.39
CA LEU A 205 4.78 -28.42 3.08
C LEU A 205 4.36 -29.27 4.28
N ARG A 206 5.23 -30.19 4.69
CA ARG A 206 4.91 -31.13 5.76
C ARG A 206 6.16 -31.83 6.27
N LEU A 207 6.00 -32.61 7.34
CA LEU A 207 7.08 -33.44 7.89
C LEU A 207 7.09 -34.82 7.23
N GLY A 208 8.27 -35.41 7.11
CA GLY A 208 8.44 -36.68 6.42
C GLY A 208 8.50 -37.96 7.23
N GLU A 209 7.95 -39.02 6.68
CA GLU A 209 7.97 -40.30 7.38
C GLU A 209 9.21 -41.11 7.16
N GLU A 210 9.91 -40.74 6.09
CA GLU A 210 11.13 -41.41 5.68
C GLU A 210 12.31 -41.25 6.62
N ASP A 211 13.36 -42.02 6.34
CA ASP A 211 14.58 -41.98 7.12
C ASP A 211 15.54 -41.23 6.22
N PRO A 212 16.18 -40.18 6.75
CA PRO A 212 17.18 -39.38 6.03
C PRO A 212 18.24 -40.25 5.37
N LYS A 213 18.76 -41.21 6.14
CA LYS A 213 19.82 -42.10 5.69
C LYS A 213 19.34 -43.13 4.68
N GLU A 214 18.04 -43.16 4.41
CA GLU A 214 17.48 -44.07 3.41
C GLU A 214 16.93 -43.36 2.17
N LEU A 215 16.43 -42.15 2.35
CA LEU A 215 15.84 -41.37 1.25
C LEU A 215 16.79 -41.15 0.08
N PRO A 216 16.56 -41.85 -1.04
CA PRO A 216 17.55 -41.78 -2.11
C PRO A 216 17.40 -40.50 -2.92
N LEU A 217 18.43 -39.68 -2.94
CA LEU A 217 18.37 -38.39 -3.63
C LEU A 217 18.65 -38.55 -5.12
N PRO A 218 17.74 -38.02 -5.94
CA PRO A 218 17.82 -38.08 -7.40
C PRO A 218 19.25 -37.99 -7.92
N GLY A 219 19.87 -39.14 -8.11
CA GLY A 219 21.18 -39.22 -8.70
C GLY A 219 22.32 -39.04 -7.72
N GLY A 220 22.47 -39.99 -6.81
CA GLY A 220 23.59 -39.97 -5.88
C GLY A 220 23.40 -40.65 -4.54
N LEU A 221 23.03 -39.88 -3.51
CA LEU A 221 23.11 -40.42 -2.15
C LEU A 221 21.93 -40.13 -1.24
N SER A 222 22.11 -40.54 0.01
CA SER A 222 21.15 -40.34 1.10
C SER A 222 20.89 -38.85 1.26
N LEU A 223 19.71 -38.46 1.73
CA LEU A 223 19.50 -37.07 2.12
C LEU A 223 20.57 -36.64 3.11
N LEU A 224 20.78 -37.51 4.10
CA LEU A 224 21.73 -37.23 5.15
C LEU A 224 23.11 -37.21 4.52
N ASP A 225 23.45 -38.23 3.74
CA ASP A 225 24.77 -38.28 3.12
C ASP A 225 25.00 -37.11 2.19
N TYR A 226 23.96 -36.69 1.47
CA TYR A 226 24.03 -35.49 0.62
C TYR A 226 24.49 -34.29 1.43
N HIS A 227 23.68 -33.93 2.43
CA HIS A 227 24.00 -32.80 3.28
C HIS A 227 25.36 -32.91 3.99
N ALA A 228 25.65 -34.10 4.51
CA ALA A 228 26.94 -34.39 5.13
C ALA A 228 28.05 -34.03 4.17
N SER A 229 27.99 -34.56 2.96
CA SER A 229 28.93 -34.22 1.88
C SER A 229 29.34 -32.75 1.91
N LYS A 230 28.35 -31.85 1.87
CA LYS A 230 28.65 -30.41 1.86
C LYS A 230 28.98 -29.88 3.27
N GLY A 231 29.20 -30.78 4.21
CA GLY A 231 29.62 -30.42 5.56
C GLY A 231 28.63 -29.62 6.38
N ARG A 232 27.35 -29.88 6.21
CA ARG A 232 26.32 -29.08 6.88
C ARG A 232 25.88 -29.68 8.21
N LEU A 233 26.33 -30.91 8.48
CA LEU A 233 25.97 -31.60 9.72
C LEU A 233 27.02 -31.34 10.78
N GLN A 234 28.03 -30.57 10.41
CA GLN A 234 29.11 -30.24 11.31
C GLN A 234 28.62 -29.18 12.28
N GLY A 235 28.52 -29.53 13.57
CA GLY A 235 28.04 -28.61 14.58
C GLY A 235 26.53 -28.44 14.49
N ARG A 236 25.87 -29.43 13.91
CA ARG A 236 24.42 -29.45 13.79
C ARG A 236 23.91 -30.87 13.94
N GLU A 237 22.59 -31.00 14.04
CA GLU A 237 21.98 -32.32 14.14
C GLU A 237 20.89 -32.39 13.10
N GLY A 238 21.10 -33.22 12.08
CA GLY A 238 20.08 -33.47 11.09
C GLY A 238 18.87 -34.06 11.74
N GLY A 239 17.77 -33.34 11.65
CA GLY A 239 16.56 -33.69 12.38
C GLY A 239 15.69 -34.77 11.76
N ARG A 240 14.43 -34.42 11.49
CA ARG A 240 13.57 -35.33 10.79
C ARG A 240 13.55 -34.93 9.32
N VAL A 241 12.70 -35.59 8.54
CA VAL A 241 12.58 -35.25 7.13
C VAL A 241 11.52 -34.17 7.03
N ALA A 242 11.79 -33.11 6.28
CA ALA A 242 10.86 -32.03 6.04
C ALA A 242 10.69 -31.86 4.55
N TRP A 243 9.44 -31.89 4.09
CA TRP A 243 9.17 -31.68 2.67
C TRP A 243 8.88 -30.21 2.43
N VAL A 244 9.72 -29.57 1.62
CA VAL A 244 9.60 -28.14 1.37
C VAL A 244 9.39 -27.88 -0.12
N ALA A 245 9.10 -26.63 -0.48
CA ALA A 245 8.89 -26.32 -1.89
C ALA A 245 9.34 -24.91 -2.25
N ASP A 246 9.95 -24.78 -3.43
CA ASP A 246 10.31 -23.48 -3.97
C ASP A 246 9.06 -22.64 -4.20
N PRO A 247 8.96 -21.48 -3.50
CA PRO A 247 7.75 -20.67 -3.46
C PRO A 247 7.28 -20.23 -4.85
N LYS A 248 8.20 -20.19 -5.81
CA LYS A 248 7.88 -19.84 -7.20
C LYS A 248 7.02 -20.91 -7.87
N ASP A 249 7.14 -22.15 -7.40
CA ASP A 249 6.29 -23.23 -7.92
C ASP A 249 6.03 -24.28 -6.86
N PRO A 250 5.17 -23.94 -5.87
CA PRO A 250 4.91 -24.76 -4.68
C PRO A 250 4.25 -26.10 -4.99
N ARG A 251 4.62 -26.73 -6.09
CA ARG A 251 4.12 -28.04 -6.44
C ARG A 251 5.14 -29.09 -6.05
N LYS A 252 6.06 -29.38 -6.96
CA LYS A 252 7.13 -30.38 -6.81
C LYS A 252 7.81 -30.32 -5.45
N PRO A 253 7.47 -31.26 -4.56
CA PRO A 253 8.08 -31.31 -3.22
C PRO A 253 9.56 -31.67 -3.25
N ILE A 254 10.30 -31.17 -2.28
CA ILE A 254 11.73 -31.37 -2.18
C ILE A 254 12.07 -31.85 -0.77
N PRO A 255 12.98 -32.82 -0.66
CA PRO A 255 13.42 -33.37 0.63
C PRO A 255 14.38 -32.44 1.37
N HIS A 256 14.23 -32.33 2.68
CA HIS A 256 15.10 -31.49 3.47
C HIS A 256 15.12 -32.04 4.86
N LEU A 257 16.00 -31.54 5.71
CA LEU A 257 16.09 -32.03 7.06
C LEU A 257 15.77 -30.92 7.99
N THR A 258 15.03 -31.22 9.03
CA THR A 258 14.58 -30.19 9.97
C THR A 258 15.69 -29.64 10.88
N GLY A 259 16.79 -30.36 11.01
CA GLY A 259 17.94 -29.87 11.74
C GLY A 259 18.74 -28.80 11.02
N LEU A 260 18.43 -28.63 9.74
CA LEU A 260 19.15 -27.70 8.87
C LEU A 260 18.21 -26.66 8.31
N LEU A 261 16.99 -26.64 8.84
CA LEU A 261 16.05 -25.58 8.48
C LEU A 261 15.82 -24.67 9.68
N VAL A 262 15.57 -23.40 9.39
CA VAL A 262 15.28 -22.40 10.41
C VAL A 262 13.92 -21.79 10.09
N PRO A 263 13.03 -21.67 11.09
CA PRO A 263 11.71 -21.10 10.79
C PRO A 263 11.77 -19.64 10.36
N VAL A 264 10.90 -19.24 9.44
CA VAL A 264 10.74 -17.81 9.20
C VAL A 264 9.46 -17.41 9.91
N LEU A 265 9.59 -16.54 10.90
CA LEU A 265 8.47 -16.32 11.79
C LEU A 265 7.57 -15.14 11.46
N THR A 266 6.33 -15.28 11.91
CA THR A 266 5.29 -14.27 11.78
C THR A 266 4.79 -13.90 13.17
N LEU A 267 4.19 -12.73 13.31
CA LEU A 267 3.70 -12.26 14.62
C LEU A 267 2.84 -13.31 15.33
N GLU A 268 2.22 -14.21 14.57
CA GLU A 268 1.34 -15.23 15.13
C GLU A 268 2.13 -16.44 15.65
N ASP A 269 3.25 -16.72 15.00
CA ASP A 269 4.18 -17.74 15.46
C ASP A 269 4.77 -17.36 16.83
N LEU A 270 4.73 -16.07 17.13
CA LEU A 270 5.18 -15.48 18.39
C LEU A 270 4.02 -15.37 19.38
N HIS A 271 2.82 -15.18 18.84
CA HIS A 271 1.60 -15.11 19.64
C HIS A 271 1.25 -16.46 20.26
N GLU A 272 1.91 -17.50 19.77
CA GLU A 272 1.76 -18.82 20.35
C GLU A 272 2.55 -18.79 21.65
N GLU A 273 3.73 -18.19 21.59
CA GLU A 273 4.55 -18.00 22.80
C GLU A 273 4.13 -16.80 23.64
N GLU A 274 4.67 -15.64 23.28
CA GLU A 274 4.41 -14.35 23.94
C GLU A 274 2.94 -13.94 24.09
N GLY A 275 2.16 -14.06 23.02
CA GLY A 275 0.73 -13.72 23.05
C GLY A 275 0.44 -12.24 23.23
N SER A 276 1.17 -11.60 24.13
CA SER A 276 0.96 -10.18 24.49
C SER A 276 2.05 -9.33 23.83
N LEU A 277 2.54 -9.80 22.70
CA LEU A 277 3.51 -9.06 21.90
C LEU A 277 2.95 -8.48 20.60
N ALA A 278 3.00 -7.15 20.48
CA ALA A 278 2.54 -6.50 19.26
C ALA A 278 3.64 -5.54 18.77
N LEU A 279 3.73 -5.40 17.44
CA LEU A 279 4.83 -4.66 16.82
C LEU A 279 4.51 -3.22 16.41
N SER A 280 3.23 -2.90 16.34
CA SER A 280 2.78 -1.52 16.20
C SER A 280 2.80 -0.82 17.54
N LEU A 281 2.91 0.51 17.51
CA LEU A 281 2.96 1.29 18.72
C LEU A 281 1.89 2.37 18.77
N PRO A 282 1.35 2.63 19.97
CA PRO A 282 0.54 3.83 20.18
C PRO A 282 1.35 5.07 19.84
N TRP A 283 0.70 6.08 19.26
CA TRP A 283 1.43 7.23 18.70
C TRP A 283 2.32 7.94 19.71
N GLU A 284 1.97 7.91 21.00
CA GLU A 284 2.74 8.65 22.01
C GLU A 284 4.02 7.90 22.34
N GLU A 285 3.93 6.58 22.27
CA GLU A 285 5.08 5.71 22.47
C GLU A 285 6.05 5.80 21.32
N ARG A 286 5.49 5.88 20.12
CA ARG A 286 6.29 6.04 18.93
C ARG A 286 6.98 7.39 18.98
N ARG A 287 6.23 8.45 19.27
CA ARG A 287 6.82 9.77 19.43
C ARG A 287 7.97 9.76 20.44
N ARG A 288 7.76 9.16 21.60
CA ARG A 288 8.83 9.09 22.60
C ARG A 288 10.10 8.43 22.12
N ARG A 289 9.96 7.21 21.58
CA ARG A 289 11.12 6.49 21.08
C ARG A 289 11.77 7.19 19.89
N THR A 290 10.97 7.79 19.02
CA THR A 290 11.48 8.60 17.93
C THR A 290 12.42 9.66 18.50
N ARG A 291 11.98 10.33 19.56
CA ARG A 291 12.78 11.39 20.16
C ARG A 291 14.06 10.86 20.79
N GLU A 292 13.95 9.78 21.57
CA GLU A 292 15.12 9.14 22.16
C GLU A 292 16.16 8.73 21.12
N ILE A 293 15.75 7.95 20.13
CA ILE A 293 16.64 7.49 19.08
C ILE A 293 17.29 8.68 18.36
N ALA A 294 16.49 9.68 18.03
CA ALA A 294 17.03 10.88 17.38
C ALA A 294 18.14 11.50 18.24
N SER A 295 17.95 11.51 19.56
CA SER A 295 18.92 12.14 20.44
C SER A 295 20.18 11.28 20.51
N TRP A 296 19.95 9.98 20.51
CA TRP A 296 20.97 8.94 20.50
C TRP A 296 21.89 9.06 19.29
N ILE A 297 21.28 9.27 18.13
CA ILE A 297 22.04 9.38 16.90
C ILE A 297 22.73 10.73 16.90
N GLY A 298 22.03 11.78 17.28
CA GLY A 298 22.64 13.09 17.32
C GLY A 298 23.90 13.04 18.15
N ARG A 299 23.86 12.21 19.19
CA ARG A 299 24.95 12.06 20.12
C ARG A 299 26.09 11.17 19.58
N ARG A 300 25.77 10.31 18.61
CA ARG A 300 26.81 9.51 17.96
C ARG A 300 27.32 10.09 16.65
N LEU A 301 26.94 11.34 16.37
CA LEU A 301 27.12 11.87 15.04
C LEU A 301 27.80 13.23 15.00
N GLY A 302 27.73 13.97 16.10
CA GLY A 302 28.33 15.29 16.16
C GLY A 302 27.85 16.15 15.01
N LEU A 303 26.53 16.26 14.89
CA LEU A 303 25.89 17.15 13.95
C LEU A 303 24.95 18.09 14.68
N GLY A 304 25.23 18.30 15.96
CA GLY A 304 24.44 19.20 16.78
C GLY A 304 23.41 18.48 17.62
N THR A 305 22.59 19.26 18.32
CA THR A 305 21.48 18.71 19.07
C THR A 305 20.23 18.76 18.22
N PRO A 306 19.58 17.60 18.05
CA PRO A 306 18.41 17.54 17.17
C PRO A 306 17.26 18.37 17.71
N GLU A 307 16.69 19.23 16.87
CA GLU A 307 15.56 20.05 17.26
C GLU A 307 14.34 19.60 16.47
N ALA A 308 13.41 18.91 17.13
CA ALA A 308 12.22 18.37 16.45
C ALA A 308 11.55 19.49 15.66
N VAL A 309 11.40 19.26 14.36
CA VAL A 309 10.72 20.21 13.51
C VAL A 309 9.22 20.13 13.72
N ARG A 310 8.59 21.31 13.75
CA ARG A 310 7.17 21.40 13.97
C ARG A 310 6.48 22.13 12.83
N ALA A 311 5.19 21.83 12.69
CA ALA A 311 4.38 22.42 11.63
C ALA A 311 3.03 22.83 12.18
N GLN A 312 2.37 23.71 11.44
CA GLN A 312 1.03 24.17 11.78
C GLN A 312 0.03 23.20 11.16
N ALA A 313 -0.75 22.57 12.01
CA ALA A 313 -1.80 21.67 11.58
C ALA A 313 -3.16 22.31 11.75
N TYR A 314 -4.13 21.70 11.08
CA TYR A 314 -5.48 22.20 11.06
C TYR A 314 -6.53 21.12 11.27
N ARG A 315 -7.50 21.42 12.12
CA ARG A 315 -8.65 20.55 12.33
C ARG A 315 -9.64 20.86 11.22
N LEU A 316 -9.89 19.89 10.34
CA LEU A 316 -10.81 20.10 9.24
C LEU A 316 -12.22 19.97 9.77
N SER A 317 -13.19 20.61 9.13
CA SER A 317 -14.58 20.48 9.52
C SER A 317 -14.93 19.01 9.38
N ILE A 318 -15.71 18.50 10.33
CA ILE A 318 -16.23 17.15 10.23
C ILE A 318 -17.18 17.03 9.05
N PRO A 319 -17.02 15.97 8.26
CA PRO A 319 -17.92 15.70 7.14
C PRO A 319 -19.32 15.40 7.65
N LYS A 320 -20.33 15.99 7.03
CA LYS A 320 -21.70 15.65 7.39
C LYS A 320 -22.22 14.55 6.48
N LEU A 321 -22.24 13.32 6.99
CA LEU A 321 -22.67 12.19 6.20
C LEU A 321 -24.18 12.07 6.23
N MET A 322 -24.75 11.77 5.08
CA MET A 322 -26.18 11.68 4.96
C MET A 322 -26.68 10.36 4.42
N GLY A 323 -27.61 9.77 5.16
CA GLY A 323 -28.40 8.67 4.68
C GLY A 323 -29.70 9.36 4.31
N ARG A 324 -30.83 8.75 4.61
CA ARG A 324 -32.08 9.49 4.57
C ARG A 324 -32.07 10.65 5.55
N ARG A 325 -31.41 10.41 6.67
CA ARG A 325 -31.19 11.42 7.70
C ARG A 325 -29.72 11.38 8.08
N ALA A 326 -29.26 12.43 8.75
CA ALA A 326 -27.90 12.53 9.26
C ALA A 326 -27.42 11.21 9.84
N VAL A 327 -26.23 10.81 9.42
CA VAL A 327 -25.71 9.50 9.76
C VAL A 327 -24.26 9.64 10.25
N SER A 328 -23.76 8.66 11.00
CA SER A 328 -22.37 8.76 11.48
C SER A 328 -21.43 7.70 10.88
N LYS A 329 -22.00 6.62 10.38
CA LYS A 329 -21.24 5.63 9.61
C LYS A 329 -22.18 4.97 8.62
N PRO A 330 -21.65 4.44 7.51
CA PRO A 330 -22.54 3.93 6.46
C PRO A 330 -23.47 2.80 6.92
N ALA A 331 -23.09 2.09 7.97
CA ALA A 331 -23.91 0.97 8.43
C ALA A 331 -25.18 1.50 9.06
N ASP A 332 -25.09 2.72 9.58
CA ASP A 332 -26.21 3.36 10.22
C ASP A 332 -27.31 3.61 9.18
N ALA A 333 -26.91 3.71 7.92
CA ALA A 333 -27.87 3.83 6.83
C ALA A 333 -28.83 2.65 6.76
N LEU A 334 -28.39 1.50 7.25
CA LEU A 334 -29.26 0.32 7.29
C LEU A 334 -30.46 0.50 8.21
N ARG A 335 -30.39 1.49 9.11
CA ARG A 335 -31.46 1.69 10.08
C ARG A 335 -32.27 2.96 9.77
N VAL A 336 -31.59 3.96 9.23
CA VAL A 336 -32.19 5.27 8.97
C VAL A 336 -32.73 5.40 7.55
N GLY A 337 -32.22 4.59 6.64
CA GLY A 337 -32.54 4.74 5.23
C GLY A 337 -31.40 5.31 4.41
N PHE A 338 -31.42 5.02 3.12
CA PHE A 338 -30.37 5.48 2.22
C PHE A 338 -30.56 6.91 1.75
N TYR A 339 -29.48 7.50 1.26
CA TYR A 339 -29.49 8.87 0.76
C TYR A 339 -30.49 8.97 -0.38
N ARG A 340 -30.43 8.00 -1.27
CA ARG A 340 -31.36 7.90 -2.38
C ARG A 340 -31.52 6.43 -2.77
N ALA A 341 -32.66 5.85 -2.43
CA ALA A 341 -32.93 4.46 -2.80
C ALA A 341 -34.00 4.36 -3.88
N GLN A 342 -33.73 3.59 -4.93
CA GLN A 342 -34.75 3.36 -5.94
C GLN A 342 -35.49 2.07 -5.62
N GLU A 343 -36.32 1.62 -6.56
CA GLU A 343 -36.95 0.30 -6.47
C GLU A 343 -35.87 -0.69 -6.84
N THR A 344 -35.80 -1.78 -6.08
CA THR A 344 -34.75 -2.77 -6.30
C THR A 344 -35.18 -4.22 -6.16
N ALA A 345 -34.45 -5.10 -6.84
CA ALA A 345 -34.74 -6.53 -6.83
C ALA A 345 -33.41 -7.22 -6.64
N LEU A 346 -33.34 -8.03 -5.59
CA LEU A 346 -32.12 -8.75 -5.27
C LEU A 346 -32.35 -10.24 -5.42
N ALA A 347 -31.31 -11.00 -5.73
CA ALA A 347 -31.47 -12.44 -5.81
C ALA A 347 -30.50 -13.15 -4.87
N LEU A 348 -30.85 -14.37 -4.50
CA LEU A 348 -30.01 -15.16 -3.60
C LEU A 348 -29.48 -16.41 -4.31
N LEU A 349 -28.19 -16.67 -4.18
CA LEU A 349 -27.62 -17.93 -4.63
C LEU A 349 -26.98 -18.64 -3.47
N ARG A 350 -27.63 -19.71 -3.02
CA ARG A 350 -27.16 -20.43 -1.85
C ARG A 350 -26.44 -21.70 -2.32
N LEU A 351 -25.22 -21.92 -1.85
CA LEU A 351 -24.43 -23.03 -2.41
C LEU A 351 -23.99 -24.00 -1.34
N ASP A 352 -24.60 -23.88 -0.17
CA ASP A 352 -24.59 -24.92 0.83
C ASP A 352 -25.77 -25.83 0.53
N GLY A 353 -26.06 -26.80 1.39
CA GLY A 353 -27.16 -27.69 1.12
C GLY A 353 -28.54 -27.06 1.33
N ALA A 354 -28.57 -25.85 1.87
CA ALA A 354 -29.79 -25.27 2.44
C ALA A 354 -30.60 -24.44 1.44
N GLN A 355 -31.67 -23.82 1.92
CA GLN A 355 -32.59 -23.11 1.04
C GLN A 355 -33.22 -21.86 1.67
N GLY A 356 -33.34 -20.79 0.89
CA GLY A 356 -34.04 -19.58 1.33
C GLY A 356 -33.25 -18.49 2.04
N TRP A 357 -33.85 -17.30 2.11
CA TRP A 357 -33.25 -16.13 2.76
C TRP A 357 -33.25 -16.27 4.28
N PRO A 358 -32.07 -16.12 4.92
CA PRO A 358 -32.05 -16.03 6.39
C PRO A 358 -32.94 -14.89 6.88
N GLU A 359 -33.84 -15.18 7.80
CA GLU A 359 -34.86 -14.21 8.20
C GLU A 359 -34.32 -12.85 8.67
N PHE A 360 -33.17 -12.85 9.35
CA PHE A 360 -32.64 -11.61 9.92
C PHE A 360 -32.11 -10.67 8.84
N LEU A 361 -31.54 -11.25 7.79
CA LEU A 361 -31.11 -10.48 6.63
C LEU A 361 -32.32 -9.88 5.93
N ARG A 362 -33.28 -10.75 5.63
CA ARG A 362 -34.56 -10.35 5.05
C ARG A 362 -35.17 -9.16 5.81
N ARG A 363 -35.22 -9.26 7.14
CA ARG A 363 -35.81 -8.21 7.96
C ARG A 363 -34.96 -6.94 7.95
N ALA A 364 -33.63 -7.11 7.92
CA ALA A 364 -32.72 -5.96 7.93
C ALA A 364 -32.95 -5.16 6.66
N LEU A 365 -33.09 -5.88 5.55
CA LEU A 365 -33.34 -5.27 4.25
C LEU A 365 -34.69 -4.58 4.18
N LEU A 366 -35.73 -5.30 4.63
CA LEU A 366 -37.08 -4.75 4.64
C LEU A 366 -37.18 -3.49 5.48
N ARG A 367 -36.50 -3.50 6.63
CA ARG A 367 -36.42 -2.31 7.46
C ARG A 367 -35.70 -1.16 6.78
N ALA A 368 -34.58 -1.45 6.13
CA ALA A 368 -33.80 -0.39 5.51
C ALA A 368 -34.58 0.28 4.37
N PHE A 369 -35.20 -0.53 3.51
CA PHE A 369 -36.04 0.03 2.46
C PHE A 369 -37.33 0.65 2.99
N GLY A 370 -37.87 0.10 4.06
CA GLY A 370 -39.01 0.70 4.74
C GLY A 370 -38.63 2.12 5.12
N ALA A 371 -37.56 2.21 5.89
CA ALA A 371 -37.04 3.46 6.40
C ALA A 371 -36.69 4.42 5.27
N SER A 372 -36.43 3.86 4.08
CA SER A 372 -35.91 4.67 2.97
C SER A 372 -37.07 5.09 2.07
N GLY A 373 -38.21 4.46 2.30
CA GLY A 373 -39.41 4.67 1.51
C GLY A 373 -39.27 4.22 0.09
N ALA A 374 -38.77 2.99 -0.08
CA ALA A 374 -38.51 2.41 -1.40
C ALA A 374 -39.06 0.99 -1.44
N SER A 375 -39.40 0.51 -2.62
CA SER A 375 -39.94 -0.85 -2.74
C SER A 375 -38.81 -1.86 -2.91
N LEU A 376 -38.99 -3.04 -2.31
CA LEU A 376 -37.98 -4.09 -2.41
C LEU A 376 -38.61 -5.44 -2.73
N ARG A 377 -38.04 -6.11 -3.72
CA ARG A 377 -38.48 -7.44 -4.10
C ARG A 377 -37.34 -8.46 -4.10
N LEU A 378 -37.30 -9.31 -3.08
CA LEU A 378 -36.27 -10.33 -2.97
C LEU A 378 -36.62 -11.56 -3.81
N HIS A 379 -35.65 -12.05 -4.57
CA HIS A 379 -35.84 -13.25 -5.38
C HIS A 379 -34.88 -14.31 -4.88
N THR A 380 -35.04 -15.53 -5.36
CA THR A 380 -34.16 -16.60 -4.94
C THR A 380 -33.82 -17.51 -6.12
N LEU A 381 -32.54 -17.56 -6.48
CA LEU A 381 -32.13 -18.44 -7.56
C LEU A 381 -32.17 -19.88 -7.07
N HIS A 382 -32.97 -20.71 -7.73
CA HIS A 382 -33.03 -22.13 -7.39
C HIS A 382 -32.20 -22.98 -8.36
N ALA A 383 -30.94 -22.62 -8.54
CA ALA A 383 -30.07 -23.39 -9.41
C ALA A 383 -28.62 -23.38 -8.89
N HIS A 384 -27.87 -24.42 -9.26
CA HIS A 384 -26.49 -24.59 -8.82
C HIS A 384 -25.51 -24.46 -9.98
N PRO A 385 -24.35 -23.87 -9.72
CA PRO A 385 -23.28 -23.77 -10.71
C PRO A 385 -22.95 -25.08 -11.45
N SER A 386 -23.16 -26.22 -10.80
CA SER A 386 -22.71 -27.49 -11.35
C SER A 386 -23.70 -27.96 -12.40
N GLN A 387 -24.80 -27.21 -12.54
CA GLN A 387 -25.77 -27.51 -13.61
C GLN A 387 -25.30 -26.98 -14.92
N GLY A 388 -24.01 -26.73 -14.85
CA GLY A 388 -23.11 -26.24 -15.85
C GLY A 388 -23.83 -25.01 -16.26
N LEU A 389 -23.85 -24.91 -17.55
CA LEU A 389 -24.47 -23.81 -18.17
C LEU A 389 -26.05 -23.83 -18.08
N ALA A 390 -26.71 -24.97 -17.90
CA ALA A 390 -28.13 -24.76 -17.87
C ALA A 390 -28.52 -23.77 -16.74
N PHE A 391 -27.70 -23.59 -15.69
CA PHE A 391 -28.11 -22.54 -14.76
C PHE A 391 -27.99 -21.08 -15.37
N ARG A 392 -27.21 -20.85 -16.44
CA ARG A 392 -27.05 -19.49 -17.00
C ARG A 392 -28.46 -19.04 -17.32
N GLU A 393 -29.27 -20.02 -17.74
CA GLU A 393 -30.64 -19.70 -18.09
C GLU A 393 -31.42 -19.31 -16.82
N ALA A 394 -31.03 -19.79 -15.64
CA ALA A 394 -31.75 -19.44 -14.41
C ALA A 394 -31.35 -17.99 -14.13
N LEU A 395 -30.15 -17.67 -14.59
CA LEU A 395 -29.53 -16.34 -14.52
C LEU A 395 -30.27 -15.45 -15.54
N ARG A 396 -30.58 -16.02 -16.71
CA ARG A 396 -31.31 -15.30 -17.76
C ARG A 396 -32.65 -14.79 -17.21
N LYS A 397 -33.37 -15.67 -16.53
CA LYS A 397 -34.61 -15.38 -15.88
C LYS A 397 -34.51 -14.23 -14.94
N ALA A 398 -33.43 -14.26 -14.17
CA ALA A 398 -33.24 -13.30 -13.12
C ALA A 398 -33.00 -11.91 -13.64
N LYS A 399 -32.27 -11.78 -14.74
CA LYS A 399 -32.14 -10.44 -15.28
C LYS A 399 -33.46 -9.97 -15.91
N GLU A 400 -34.28 -10.89 -16.43
CA GLU A 400 -35.56 -10.46 -17.01
C GLU A 400 -36.66 -10.12 -15.97
N GLU A 401 -36.28 -9.95 -14.70
CA GLU A 401 -37.24 -9.52 -13.68
C GLU A 401 -36.74 -8.33 -12.88
N GLY A 402 -35.60 -7.77 -13.26
CA GLY A 402 -35.15 -6.57 -12.60
C GLY A 402 -34.13 -6.78 -11.50
N VAL A 403 -33.55 -7.97 -11.42
CA VAL A 403 -32.54 -8.24 -10.43
C VAL A 403 -31.23 -7.52 -10.73
N GLN A 404 -30.77 -6.77 -9.73
CA GLN A 404 -29.65 -5.89 -9.92
C GLN A 404 -28.33 -6.40 -9.34
N ALA A 405 -28.39 -7.40 -8.47
CA ALA A 405 -27.21 -7.97 -7.83
C ALA A 405 -27.59 -9.26 -7.11
N VAL A 406 -26.62 -10.13 -6.87
CA VAL A 406 -26.90 -11.37 -6.14
C VAL A 406 -26.08 -11.62 -4.86
N LEU A 407 -26.72 -12.22 -3.85
CA LEU A 407 -26.03 -12.72 -2.66
C LEU A 407 -25.66 -14.17 -2.81
N VAL A 408 -24.38 -14.48 -2.62
CA VAL A 408 -23.98 -15.86 -2.70
C VAL A 408 -23.73 -16.28 -1.27
N LEU A 409 -24.63 -17.10 -0.74
CA LEU A 409 -24.44 -17.66 0.58
C LEU A 409 -23.66 -18.95 0.40
N THR A 410 -22.42 -19.00 0.88
CA THR A 410 -21.60 -20.16 0.54
C THR A 410 -20.51 -20.42 1.56
N PRO A 411 -20.14 -21.70 1.73
CA PRO A 411 -18.88 -22.04 2.41
C PRO A 411 -17.70 -21.30 1.80
N PRO A 412 -16.62 -21.12 2.57
CA PRO A 412 -15.41 -20.51 2.03
C PRO A 412 -14.99 -21.17 0.72
N MET A 413 -14.77 -20.35 -0.31
CA MET A 413 -14.37 -20.84 -1.63
C MET A 413 -12.89 -20.66 -1.92
N ALA A 414 -12.29 -21.63 -2.60
CA ALA A 414 -10.93 -21.48 -3.07
C ALA A 414 -10.92 -20.29 -4.02
N TRP A 415 -9.84 -19.51 -3.99
CA TRP A 415 -9.71 -18.34 -4.85
C TRP A 415 -10.10 -18.61 -6.30
N GLU A 416 -9.60 -19.71 -6.85
CA GLU A 416 -9.94 -20.13 -8.21
C GLU A 416 -11.44 -20.20 -8.45
N ASP A 417 -12.15 -20.82 -7.52
CA ASP A 417 -13.59 -21.06 -7.70
C ASP A 417 -14.38 -19.79 -7.43
N ARG A 418 -13.89 -18.99 -6.49
CA ARG A 418 -14.45 -17.66 -6.23
C ARG A 418 -14.43 -16.86 -7.52
N ASN A 419 -13.29 -16.80 -8.19
CA ASN A 419 -13.20 -16.08 -9.45
C ASN A 419 -14.08 -16.72 -10.52
N ARG A 420 -14.02 -18.06 -10.64
CA ARG A 420 -14.83 -18.79 -11.61
C ARG A 420 -16.30 -18.36 -11.49
N LEU A 421 -16.77 -18.29 -10.26
CA LEU A 421 -18.16 -17.97 -9.96
C LEU A 421 -18.49 -16.49 -10.21
N LYS A 422 -17.67 -15.60 -9.66
CA LYS A 422 -17.82 -14.16 -9.89
C LYS A 422 -17.98 -13.93 -11.39
N ALA A 423 -17.02 -14.43 -12.15
CA ALA A 423 -17.03 -14.31 -13.59
C ALA A 423 -18.34 -14.82 -14.16
N LEU A 424 -18.64 -16.08 -13.84
CA LEU A 424 -19.84 -16.76 -14.32
C LEU A 424 -21.11 -15.92 -14.15
N LEU A 425 -21.25 -15.25 -13.00
CA LEU A 425 -22.46 -14.45 -12.78
C LEU A 425 -22.33 -13.09 -13.45
N LEU A 426 -21.10 -12.62 -13.65
CA LEU A 426 -20.82 -11.32 -14.28
C LEU A 426 -21.14 -11.35 -15.78
N ARG A 427 -20.87 -12.48 -16.45
CA ARG A 427 -21.22 -12.63 -17.86
C ARG A 427 -22.62 -12.14 -18.14
N GLU A 428 -23.53 -12.42 -17.22
CA GLU A 428 -24.92 -12.02 -17.36
C GLU A 428 -25.19 -10.70 -16.66
N GLY A 429 -24.13 -9.92 -16.43
CA GLY A 429 -24.24 -8.60 -15.84
C GLY A 429 -24.82 -8.58 -14.44
N LEU A 430 -24.58 -9.65 -13.70
CA LEU A 430 -25.05 -9.77 -12.31
C LEU A 430 -23.90 -9.75 -11.30
N PRO A 431 -23.62 -8.57 -10.73
CA PRO A 431 -22.63 -8.42 -9.65
C PRO A 431 -23.02 -9.28 -8.45
N SER A 432 -22.04 -9.85 -7.77
CA SER A 432 -22.33 -10.70 -6.63
C SER A 432 -21.53 -10.29 -5.39
N GLN A 433 -22.22 -10.33 -4.25
CA GLN A 433 -21.61 -10.22 -2.94
C GLN A 433 -21.57 -11.61 -2.31
N ILE A 434 -20.40 -12.02 -1.81
CA ILE A 434 -20.30 -13.31 -1.14
C ILE A 434 -20.42 -13.16 0.37
N LEU A 435 -21.14 -14.10 0.99
CA LEU A 435 -21.28 -14.17 2.43
C LEU A 435 -21.02 -15.63 2.86
N ASN A 436 -19.97 -15.82 3.63
CA ASN A 436 -19.53 -17.14 4.07
C ASN A 436 -20.57 -17.71 5.02
N VAL A 437 -20.81 -19.03 4.97
CA VAL A 437 -22.13 -19.51 5.37
C VAL A 437 -22.24 -20.10 6.79
N PRO A 438 -21.12 -20.56 7.40
CA PRO A 438 -21.38 -20.77 8.83
C PRO A 438 -21.63 -19.38 9.42
N LEU A 439 -22.90 -18.98 9.52
CA LEU A 439 -23.23 -17.59 9.83
C LEU A 439 -24.31 -17.47 10.89
N ARG A 440 -24.06 -16.57 11.84
CA ARG A 440 -24.92 -16.40 12.98
C ARG A 440 -25.22 -14.91 13.15
N GLU A 441 -26.44 -14.61 13.58
CA GLU A 441 -26.94 -13.24 13.66
C GLU A 441 -26.06 -12.31 14.52
N GLU A 442 -25.30 -12.86 15.45
CA GLU A 442 -24.47 -12.00 16.28
C GLU A 442 -23.21 -11.58 15.54
N GLU A 443 -22.80 -12.34 14.52
CA GLU A 443 -21.73 -11.91 13.60
C GLU A 443 -22.19 -10.70 12.78
N ARG A 444 -22.58 -9.64 13.47
CA ARG A 444 -23.31 -8.52 12.88
C ARG A 444 -22.52 -7.67 11.90
N HIS A 445 -21.29 -7.30 12.26
CA HIS A 445 -20.48 -6.48 11.36
C HIS A 445 -20.19 -7.16 10.03
N ARG A 446 -20.16 -8.49 10.05
CA ARG A 446 -19.93 -9.24 8.82
C ARG A 446 -21.14 -9.23 7.91
N TRP A 447 -22.29 -9.72 8.37
CA TRP A 447 -23.42 -9.73 7.45
C TRP A 447 -23.94 -8.32 7.14
N GLU A 448 -23.72 -7.36 8.03
CA GLU A 448 -24.12 -5.99 7.70
C GLU A 448 -23.18 -5.35 6.68
N ASN A 449 -21.90 -5.73 6.71
CA ASN A 449 -21.00 -5.23 5.68
C ASN A 449 -21.26 -5.91 4.35
N ALA A 450 -21.53 -7.21 4.40
CA ALA A 450 -21.88 -7.96 3.21
C ALA A 450 -23.15 -7.40 2.61
N LEU A 451 -24.03 -6.93 3.46
CA LEU A 451 -25.29 -6.37 2.99
C LEU A 451 -25.06 -5.01 2.33
N LEU A 452 -24.29 -4.15 3.00
CA LEU A 452 -23.87 -2.85 2.44
C LEU A 452 -23.17 -2.98 1.09
N GLY A 453 -22.45 -4.08 0.91
CA GLY A 453 -21.71 -4.32 -0.31
C GLY A 453 -22.70 -4.81 -1.34
N LEU A 454 -23.60 -5.69 -0.92
CA LEU A 454 -24.66 -6.15 -1.81
C LEU A 454 -25.48 -4.97 -2.35
N LEU A 455 -25.58 -3.90 -1.57
CA LEU A 455 -26.41 -2.76 -1.94
C LEU A 455 -25.66 -1.81 -2.85
N ALA A 456 -24.40 -1.55 -2.52
CA ALA A 456 -23.54 -0.81 -3.45
C ALA A 456 -23.49 -1.53 -4.81
N LYS A 457 -23.45 -2.86 -4.77
CA LYS A 457 -23.40 -3.67 -6.00
C LYS A 457 -24.71 -3.68 -6.77
N ALA A 458 -25.82 -3.31 -6.13
CA ALA A 458 -27.10 -3.24 -6.83
C ALA A 458 -27.38 -1.85 -7.41
N GLY A 459 -26.58 -0.86 -7.01
CA GLY A 459 -26.62 0.45 -7.62
C GLY A 459 -27.21 1.51 -6.72
N LEU A 460 -27.64 1.09 -5.54
CA LEU A 460 -28.16 2.01 -4.52
C LEU A 460 -27.07 2.97 -4.07
N GLN A 461 -27.44 4.24 -3.87
CA GLN A 461 -26.53 5.16 -3.18
C GLN A 461 -26.90 5.12 -1.70
N VAL A 462 -25.97 4.64 -0.88
CA VAL A 462 -26.28 4.47 0.53
C VAL A 462 -26.02 5.75 1.33
N VAL A 463 -24.92 6.44 1.05
CA VAL A 463 -24.65 7.70 1.73
C VAL A 463 -24.14 8.75 0.77
N ALA A 464 -24.31 10.01 1.14
CA ALA A 464 -23.73 11.12 0.37
C ALA A 464 -23.26 12.19 1.34
N LEU A 465 -22.57 13.20 0.84
CA LEU A 465 -22.14 14.28 1.72
C LEU A 465 -23.14 15.43 1.72
N SER A 466 -23.14 16.20 2.81
CA SER A 466 -23.88 17.45 2.83
C SER A 466 -22.85 18.55 2.94
N GLY A 467 -22.82 19.44 1.94
CA GLY A 467 -21.83 20.48 1.96
C GLY A 467 -21.57 21.08 0.59
N ALA A 468 -20.84 22.19 0.59
CA ALA A 468 -20.48 22.87 -0.63
C ALA A 468 -18.99 22.71 -0.85
N TYR A 469 -18.63 22.04 -1.94
CA TYR A 469 -17.24 21.82 -2.29
C TYR A 469 -16.97 22.42 -3.67
N PRO A 470 -15.76 22.99 -3.84
CA PRO A 470 -15.31 23.53 -5.13
C PRO A 470 -15.60 22.62 -6.32
N ALA A 471 -15.26 21.33 -6.21
CA ALA A 471 -15.47 20.42 -7.32
C ALA A 471 -16.84 19.73 -7.23
N GLU A 472 -17.53 19.63 -8.36
CA GLU A 472 -18.83 18.99 -8.40
C GLU A 472 -18.66 17.58 -8.93
N LEU A 473 -17.45 17.33 -9.42
CA LEU A 473 -17.08 16.02 -9.94
C LEU A 473 -15.72 15.64 -9.38
N ALA A 474 -15.65 14.48 -8.73
CA ALA A 474 -14.37 13.95 -8.28
C ALA A 474 -14.04 12.64 -8.95
N VAL A 475 -12.90 12.57 -9.63
CA VAL A 475 -12.54 11.33 -10.31
C VAL A 475 -11.14 10.90 -9.93
N GLY A 476 -11.03 9.63 -9.55
CA GLY A 476 -9.75 9.09 -9.14
C GLY A 476 -9.23 8.07 -10.14
N PHE A 477 -7.92 8.12 -10.37
CA PHE A 477 -7.22 7.30 -11.35
C PHE A 477 -6.21 6.40 -10.67
N ASP A 478 -6.23 5.12 -11.02
CA ASP A 478 -5.23 4.19 -10.50
C ASP A 478 -4.68 3.33 -11.62
N ALA A 479 -3.48 2.77 -11.44
CA ALA A 479 -2.92 1.91 -12.46
C ALA A 479 -2.66 0.50 -11.92
N GLY A 480 -3.40 -0.47 -12.47
CA GLY A 480 -3.01 -1.86 -12.53
C GLY A 480 -3.29 -2.79 -11.37
N GLY A 481 -3.71 -3.99 -11.73
CA GLY A 481 -3.95 -5.07 -10.81
C GLY A 481 -3.27 -6.29 -11.42
N ARG A 482 -2.06 -6.07 -11.94
CA ARG A 482 -1.28 -7.08 -12.65
C ARG A 482 0.23 -6.83 -12.53
N GLU A 483 0.98 -7.88 -12.86
CA GLU A 483 2.43 -7.89 -12.72
C GLU A 483 3.25 -7.09 -13.71
N SER A 484 3.40 -7.73 -14.87
CA SER A 484 4.29 -7.23 -15.92
C SER A 484 3.64 -6.17 -16.76
N PHE A 485 2.34 -6.00 -16.53
CA PHE A 485 1.57 -4.92 -17.09
C PHE A 485 0.44 -4.49 -16.17
N ARG A 486 -0.11 -3.32 -16.43
CA ARG A 486 -1.10 -2.76 -15.54
C ARG A 486 -2.44 -2.63 -16.26
N PHE A 487 -3.41 -2.05 -15.58
CA PHE A 487 -4.72 -1.83 -16.18
C PHE A 487 -5.04 -0.36 -16.22
N GLY A 488 -4.96 0.36 -15.11
CA GLY A 488 -5.23 1.78 -15.24
C GLY A 488 -6.67 2.14 -15.58
N GLY A 489 -7.40 2.54 -14.56
CA GLY A 489 -8.80 2.87 -14.72
C GLY A 489 -9.19 3.94 -13.72
N ALA A 490 -10.47 4.31 -13.73
CA ALA A 490 -10.93 5.39 -12.88
C ALA A 490 -12.30 5.14 -12.27
N ALA A 491 -12.52 5.76 -11.11
CA ALA A 491 -13.83 5.78 -10.47
C ALA A 491 -14.23 7.20 -10.09
N CYS A 492 -15.47 7.36 -9.65
CA CYS A 492 -16.19 8.63 -9.82
C CYS A 492 -17.19 8.95 -8.73
N ALA A 493 -17.02 10.13 -8.12
CA ALA A 493 -18.01 10.72 -7.23
C ALA A 493 -18.68 11.91 -7.91
N VAL A 494 -19.83 11.61 -8.51
CA VAL A 494 -20.66 12.55 -9.27
C VAL A 494 -21.54 13.39 -8.35
N GLY A 495 -21.54 14.70 -8.60
CA GLY A 495 -22.29 15.67 -7.81
C GLY A 495 -21.54 16.22 -6.62
N GLY A 496 -21.86 17.48 -6.27
CA GLY A 496 -21.24 18.14 -5.13
C GLY A 496 -21.54 17.47 -3.81
N ASP A 497 -22.69 16.81 -3.72
CA ASP A 497 -23.05 16.01 -2.56
C ASP A 497 -22.39 14.62 -2.63
N GLY A 498 -21.74 14.35 -3.76
CA GLY A 498 -21.22 13.02 -4.03
C GLY A 498 -22.37 12.05 -4.20
N GLY A 499 -23.51 12.58 -4.62
CA GLY A 499 -24.76 11.85 -4.72
C GLY A 499 -24.73 10.60 -5.60
N HIS A 500 -23.72 10.49 -6.45
CA HIS A 500 -23.58 9.29 -7.28
C HIS A 500 -22.16 8.73 -7.26
N LEU A 501 -22.00 7.42 -7.23
CA LEU A 501 -20.68 6.83 -7.44
C LEU A 501 -20.75 5.92 -8.67
N LEU A 502 -19.71 5.99 -9.51
CA LEU A 502 -19.61 5.10 -10.66
C LEU A 502 -18.17 4.73 -11.05
N TRP A 503 -18.03 3.68 -11.86
CA TRP A 503 -16.70 3.24 -12.27
C TRP A 503 -16.59 3.28 -13.79
N THR A 504 -15.36 3.15 -14.29
CA THR A 504 -15.12 3.10 -15.73
C THR A 504 -14.22 1.92 -16.11
N LEU A 505 -14.50 1.27 -17.24
CA LEU A 505 -13.73 0.11 -17.67
C LEU A 505 -12.25 0.44 -17.87
N PRO A 506 -11.38 -0.27 -17.14
CA PRO A 506 -9.95 0.07 -17.21
C PRO A 506 -9.35 -0.48 -18.49
N GLU A 507 -8.20 0.03 -18.93
CA GLU A 507 -7.64 -0.33 -20.23
C GLU A 507 -6.22 -0.87 -20.11
N ALA A 508 -5.98 -2.09 -20.60
CA ALA A 508 -4.66 -2.72 -20.45
C ALA A 508 -3.55 -1.84 -21.00
N GLN A 509 -2.46 -1.75 -20.24
CA GLN A 509 -1.29 -0.95 -20.61
C GLN A 509 -0.03 -1.65 -20.16
N ALA A 510 1.13 -1.07 -20.51
CA ALA A 510 2.40 -1.78 -20.34
C ALA A 510 3.02 -1.60 -18.96
N GLY A 511 2.81 -0.43 -18.35
CA GLY A 511 3.40 -0.12 -17.06
C GLY A 511 2.52 0.81 -16.23
N GLU A 512 3.14 1.60 -15.36
CA GLU A 512 2.39 2.56 -14.54
C GLU A 512 1.73 3.63 -15.36
N ARG A 513 2.52 4.34 -16.16
CA ARG A 513 1.98 5.47 -16.90
C ARG A 513 0.73 5.10 -17.67
N ILE A 514 -0.36 5.84 -17.41
CA ILE A 514 -1.59 5.65 -18.15
C ILE A 514 -1.55 6.52 -19.36
N PRO A 515 -1.65 5.91 -20.54
CA PRO A 515 -1.65 6.69 -21.77
C PRO A 515 -2.52 7.93 -21.68
N GLN A 516 -2.00 9.04 -22.19
CA GLN A 516 -2.58 10.37 -22.08
C GLN A 516 -4.01 10.30 -22.59
N GLU A 517 -4.18 9.47 -23.60
CA GLU A 517 -5.45 9.37 -24.29
C GLU A 517 -6.41 8.45 -23.55
N VAL A 518 -5.88 7.51 -22.77
CA VAL A 518 -6.76 6.71 -21.92
C VAL A 518 -7.28 7.54 -20.75
N VAL A 519 -6.40 8.39 -20.22
CA VAL A 519 -6.78 9.36 -19.22
C VAL A 519 -7.92 10.23 -19.69
N TRP A 520 -7.72 10.87 -20.84
CA TRP A 520 -8.76 11.75 -21.34
C TRP A 520 -10.04 10.99 -21.66
N ASP A 521 -9.89 9.76 -22.16
CA ASP A 521 -11.07 8.95 -22.46
C ASP A 521 -11.91 8.68 -21.21
N LEU A 522 -11.27 8.19 -20.16
CA LEU A 522 -11.95 7.86 -18.91
C LEU A 522 -12.61 9.09 -18.30
N LEU A 523 -11.84 10.18 -18.32
CA LEU A 523 -12.34 11.44 -17.79
C LEU A 523 -13.59 11.85 -18.54
N GLU A 524 -13.53 11.77 -19.86
CA GLU A 524 -14.67 12.07 -20.70
C GLU A 524 -15.89 11.22 -20.35
N GLU A 525 -15.64 9.96 -20.05
CA GLU A 525 -16.70 9.03 -19.66
C GLU A 525 -17.41 9.60 -18.42
N THR A 526 -16.61 10.17 -17.51
CA THR A 526 -17.16 10.63 -16.23
C THR A 526 -17.82 12.01 -16.39
N LEU A 527 -17.39 12.76 -17.40
CA LEU A 527 -17.99 14.05 -17.74
C LEU A 527 -19.35 13.80 -18.31
N TRP A 528 -19.43 12.74 -19.12
CA TRP A 528 -20.70 12.33 -19.62
C TRP A 528 -21.67 11.86 -18.60
N ALA A 529 -21.14 11.22 -17.58
CA ALA A 529 -21.97 10.83 -16.48
C ALA A 529 -22.57 12.04 -15.75
N PHE A 530 -21.69 12.99 -15.42
CA PHE A 530 -22.16 14.18 -14.70
C PHE A 530 -23.18 14.96 -15.49
N ARG A 531 -22.97 14.99 -16.80
CA ARG A 531 -23.79 15.72 -17.70
C ARG A 531 -25.11 15.12 -17.83
N ARG A 532 -25.09 13.80 -17.96
CA ARG A 532 -26.37 13.22 -18.17
C ARG A 532 -27.24 13.02 -16.97
N LYS A 533 -26.79 13.43 -15.78
CA LYS A 533 -27.68 13.35 -14.59
C LYS A 533 -27.87 14.80 -14.08
N ALA A 534 -27.02 15.74 -14.47
CA ALA A 534 -27.13 17.11 -13.94
C ALA A 534 -27.47 18.12 -15.03
N GLY A 535 -27.53 17.61 -16.24
CA GLY A 535 -27.84 18.38 -17.41
C GLY A 535 -26.87 19.49 -17.74
N ARG A 536 -25.63 19.41 -17.30
CA ARG A 536 -24.71 20.55 -17.37
C ARG A 536 -23.29 20.08 -17.14
N LEU A 537 -22.30 20.87 -17.55
CA LEU A 537 -20.90 20.51 -17.34
C LEU A 537 -20.38 20.98 -15.99
N PRO A 538 -19.48 20.18 -15.38
CA PRO A 538 -18.86 20.54 -14.11
C PRO A 538 -18.23 21.90 -14.25
N SER A 539 -18.42 22.75 -13.25
CA SER A 539 -17.77 24.05 -13.24
C SER A 539 -16.32 23.84 -12.84
N ARG A 540 -16.08 22.73 -12.15
CA ARG A 540 -14.77 22.40 -11.56
C ARG A 540 -14.69 20.93 -11.26
N VAL A 541 -13.57 20.31 -11.64
CA VAL A 541 -13.37 18.91 -11.29
C VAL A 541 -12.16 18.71 -10.38
N LEU A 542 -12.23 17.64 -9.60
CA LEU A 542 -11.11 17.27 -8.76
C LEU A 542 -10.56 15.97 -9.31
N LEU A 543 -9.30 16.03 -9.72
CA LEU A 543 -8.65 14.93 -10.39
C LEU A 543 -7.66 14.29 -9.42
N LEU A 544 -7.81 12.99 -9.17
CA LEU A 544 -6.96 12.33 -8.19
C LEU A 544 -6.17 11.14 -8.72
N ARG A 545 -4.88 11.09 -8.41
CA ARG A 545 -4.09 9.89 -8.65
C ARG A 545 -3.58 9.14 -7.43
N ASN A 546 -3.76 7.82 -7.47
CA ASN A 546 -3.10 6.91 -6.56
C ASN A 546 -1.61 6.89 -6.86
N GLY A 547 -0.81 7.38 -5.92
CA GLY A 547 0.64 7.36 -6.06
C GLY A 547 1.16 8.55 -6.84
N ARG A 548 2.45 8.49 -7.17
CA ARG A 548 3.09 9.52 -7.99
C ARG A 548 2.37 9.73 -9.31
N VAL A 549 2.46 10.96 -9.84
CA VAL A 549 1.91 11.24 -11.17
C VAL A 549 3.03 11.35 -12.22
N PRO A 550 3.13 10.35 -13.12
CA PRO A 550 4.09 10.31 -14.22
C PRO A 550 4.08 11.61 -15.02
N GLN A 551 5.25 12.02 -15.51
CA GLN A 551 5.42 13.33 -16.16
C GLN A 551 4.31 13.63 -17.20
N ASP A 552 3.62 14.73 -16.95
CA ASP A 552 2.50 15.23 -17.80
C ASP A 552 1.63 14.15 -18.45
N GLU A 553 1.21 13.16 -17.68
CA GLU A 553 0.30 12.14 -18.20
C GLU A 553 -1.14 12.62 -18.23
N PHE A 554 -1.40 13.75 -17.59
CA PHE A 554 -2.72 14.36 -17.61
C PHE A 554 -2.79 15.55 -18.56
N ALA A 555 -1.65 15.87 -19.17
CA ALA A 555 -1.52 17.06 -20.02
C ALA A 555 -2.58 17.14 -21.10
N LEU A 556 -2.75 16.06 -21.86
CA LEU A 556 -3.76 16.03 -22.92
C LEU A 556 -5.16 16.23 -22.33
N ALA A 557 -5.42 15.61 -21.19
CA ALA A 557 -6.73 15.69 -20.57
C ALA A 557 -6.96 17.07 -19.94
N LEU A 558 -5.90 17.64 -19.39
CA LEU A 558 -6.01 18.96 -18.78
C LEU A 558 -6.25 20.03 -19.84
N GLU A 559 -5.62 19.84 -20.99
CA GLU A 559 -5.81 20.81 -22.05
C GLU A 559 -7.21 20.62 -22.61
N ALA A 560 -7.66 19.37 -22.68
CA ALA A 560 -9.01 19.08 -23.17
C ALA A 560 -10.02 19.75 -22.25
N LEU A 561 -9.71 19.77 -20.96
CA LEU A 561 -10.57 20.40 -19.97
C LEU A 561 -10.59 21.93 -20.10
N ALA A 562 -9.42 22.53 -20.29
CA ALA A 562 -9.34 23.98 -20.52
C ALA A 562 -10.14 24.42 -21.73
N ARG A 563 -9.91 23.74 -22.85
CA ARG A 563 -10.70 23.92 -24.08
C ARG A 563 -12.19 23.96 -23.82
N GLU A 564 -12.71 22.95 -23.13
CA GLU A 564 -14.15 22.85 -22.91
C GLU A 564 -14.60 23.82 -21.84
N GLY A 565 -13.69 24.67 -21.38
CA GLY A 565 -14.00 25.66 -20.37
C GLY A 565 -14.38 25.05 -19.04
N ILE A 566 -13.62 24.05 -18.62
CA ILE A 566 -13.84 23.41 -17.34
C ILE A 566 -12.63 23.57 -16.43
N ALA A 567 -12.90 24.02 -15.21
CA ALA A 567 -11.83 24.31 -14.26
C ALA A 567 -11.49 23.01 -13.56
N TYR A 568 -10.31 22.93 -12.97
CA TYR A 568 -9.81 21.64 -12.49
C TYR A 568 -8.66 21.76 -11.51
N ASP A 569 -8.53 20.74 -10.66
CA ASP A 569 -7.31 20.56 -9.88
C ASP A 569 -6.77 19.15 -10.00
N LEU A 570 -5.46 18.99 -9.91
CA LEU A 570 -4.83 17.67 -9.97
C LEU A 570 -4.05 17.38 -8.71
N VAL A 571 -4.45 16.36 -7.96
CA VAL A 571 -3.75 15.99 -6.75
C VAL A 571 -3.17 14.58 -6.83
N SER A 572 -1.90 14.48 -6.45
CA SER A 572 -1.22 13.19 -6.34
C SER A 572 -1.30 12.74 -4.89
N VAL A 573 -1.85 11.55 -4.66
CA VAL A 573 -2.08 11.08 -3.30
C VAL A 573 -1.25 9.83 -3.01
N ARG A 574 -0.13 10.04 -2.33
CA ARG A 574 0.77 8.98 -1.95
C ARG A 574 0.44 8.41 -0.57
N LYS A 575 0.44 7.08 -0.47
CA LYS A 575 0.25 6.38 0.80
C LYS A 575 1.54 6.36 1.63
N SER A 576 2.68 6.49 0.95
CA SER A 576 3.96 6.59 1.62
C SER A 576 4.67 7.89 1.31
N GLY A 577 5.55 8.32 2.20
CA GLY A 577 6.33 9.53 2.00
C GLY A 577 5.85 10.68 2.88
N GLY A 578 4.82 10.44 3.68
CA GLY A 578 4.27 11.45 4.56
C GLY A 578 4.98 11.47 5.90
N GLY A 579 5.73 10.43 6.19
CA GLY A 579 6.37 10.29 7.49
C GLY A 579 5.32 10.19 8.59
N ARG A 580 5.55 10.95 9.66
CA ARG A 580 4.71 10.91 10.85
C ARG A 580 4.29 12.30 11.34
N VAL A 581 3.21 12.32 12.11
CA VAL A 581 2.67 13.53 12.70
C VAL A 581 2.22 13.25 14.14
N TYR A 582 2.78 14.00 15.08
CA TYR A 582 2.45 13.88 16.51
C TYR A 582 2.00 15.19 17.13
N PRO A 583 0.90 15.17 17.90
CA PRO A 583 0.51 16.42 18.58
C PRO A 583 1.59 16.91 19.53
N VAL A 584 1.81 18.22 19.59
CA VAL A 584 2.67 18.78 20.62
C VAL A 584 2.02 18.60 22.01
N GLN A 585 0.75 18.95 22.09
CA GLN A 585 -0.07 18.74 23.29
C GLN A 585 -1.39 18.06 22.91
N GLY A 586 -1.94 17.28 23.83
CA GLY A 586 -3.29 16.77 23.67
C GLY A 586 -3.47 15.49 22.88
N ARG A 587 -4.72 15.21 22.54
CA ARG A 587 -5.06 14.03 21.77
C ARG A 587 -4.84 14.28 20.29
N LEU A 588 -4.78 13.20 19.51
CA LEU A 588 -4.83 13.32 18.06
C LEU A 588 -6.07 12.69 17.42
N ALA A 589 -6.84 13.49 16.70
CA ALA A 589 -8.01 13.00 15.97
C ALA A 589 -7.74 13.08 14.46
N ASP A 590 -8.40 12.22 13.68
CA ASP A 590 -8.31 12.29 12.23
C ASP A 590 -8.94 13.57 11.69
N GLY A 591 -8.59 13.95 10.47
CA GLY A 591 -9.00 15.24 9.95
C GLY A 591 -7.89 16.26 10.00
N LEU A 592 -6.66 15.79 10.17
CA LEU A 592 -5.54 16.72 10.32
C LEU A 592 -4.94 17.16 8.99
N TYR A 593 -4.80 18.47 8.82
CA TYR A 593 -4.24 19.00 7.58
C TYR A 593 -2.95 19.76 7.89
N VAL A 594 -1.86 19.37 7.24
CA VAL A 594 -0.54 19.93 7.53
C VAL A 594 0.20 20.43 6.29
N PRO A 595 0.13 21.74 6.01
CA PRO A 595 0.86 22.33 4.89
C PRO A 595 2.37 22.23 5.08
N LEU A 596 3.09 21.92 4.01
CA LEU A 596 4.51 21.65 4.10
C LEU A 596 5.25 22.71 3.28
N GLU A 597 5.32 22.52 1.98
CA GLU A 597 5.70 23.61 1.12
C GLU A 597 4.42 24.11 0.47
N ASP A 598 4.60 24.84 -0.62
CA ASP A 598 3.53 25.24 -1.51
C ASP A 598 3.51 23.99 -2.32
N LYS A 599 2.35 23.62 -2.88
CA LYS A 599 2.03 22.45 -3.71
C LYS A 599 2.04 21.10 -2.98
N THR A 600 2.04 21.12 -1.66
CA THR A 600 2.18 19.87 -0.96
C THR A 600 1.75 19.90 0.48
N PHE A 601 1.21 18.80 0.98
CA PHE A 601 0.69 18.82 2.33
C PHE A 601 0.38 17.41 2.76
N LEU A 602 0.37 17.21 4.07
CA LEU A 602 -0.01 15.96 4.66
C LEU A 602 -1.44 15.97 5.14
N LEU A 603 -2.05 14.79 5.14
CA LEU A 603 -3.41 14.68 5.63
C LEU A 603 -3.56 13.42 6.48
N LEU A 604 -3.81 13.62 7.77
CA LEU A 604 -4.05 12.51 8.67
C LEU A 604 -5.54 12.26 8.61
N THR A 605 -5.87 11.23 7.83
CA THR A 605 -7.22 11.01 7.35
C THR A 605 -8.01 10.05 8.23
N VAL A 606 -7.29 9.18 8.92
CA VAL A 606 -7.94 8.14 9.70
C VAL A 606 -7.13 7.80 10.93
N HIS A 607 -7.80 7.77 12.09
CA HIS A 607 -7.18 7.25 13.31
C HIS A 607 -8.27 6.53 14.08
N ARG A 608 -8.00 5.29 14.48
CA ARG A 608 -9.08 4.43 14.97
C ARG A 608 -8.57 3.16 15.69
N ASP A 609 -7.44 2.62 15.24
CA ASP A 609 -6.87 1.40 15.85
C ASP A 609 -5.74 1.77 16.80
N PHE A 610 -6.14 2.37 17.92
CA PHE A 610 -5.27 3.02 18.89
C PHE A 610 -4.05 2.21 19.37
N ARG A 611 -3.95 0.95 18.96
CA ARG A 611 -2.75 0.18 19.26
C ARG A 611 -1.68 0.40 18.20
N GLY A 612 -2.07 1.03 17.08
CA GLY A 612 -1.13 1.40 16.05
C GLY A 612 -1.01 2.90 15.83
N THR A 613 0.04 3.31 15.13
CA THR A 613 0.28 4.71 14.80
C THR A 613 -0.12 5.00 13.35
N PRO A 614 -0.89 6.08 13.13
CA PRO A 614 -1.42 6.44 11.80
C PRO A 614 -0.36 6.86 10.80
N ARG A 615 -0.63 6.65 9.51
CA ARG A 615 0.27 7.13 8.47
C ARG A 615 -0.41 8.17 7.61
N PRO A 616 -0.04 9.44 7.78
CA PRO A 616 -0.62 10.52 6.99
C PRO A 616 -0.43 10.25 5.51
N LEU A 617 -1.38 10.66 4.68
CA LEU A 617 -1.15 10.66 3.25
C LEU A 617 -0.31 11.87 2.91
N LYS A 618 0.55 11.72 1.89
CA LYS A 618 1.28 12.88 1.39
C LYS A 618 0.67 13.22 0.05
N LEU A 619 0.24 14.47 -0.09
CA LEU A 619 -0.43 14.88 -1.30
C LEU A 619 0.29 16.05 -1.96
N VAL A 620 0.35 16.01 -3.28
CA VAL A 620 1.00 17.07 -4.02
C VAL A 620 0.01 17.72 -4.96
N HIS A 621 -0.09 19.04 -4.88
CA HIS A 621 -0.97 19.79 -5.75
C HIS A 621 -0.23 20.04 -7.06
N GLU A 622 -0.53 19.24 -8.06
CA GLU A 622 0.27 19.13 -9.27
C GLU A 622 -0.22 20.09 -10.35
N ALA A 623 -1.51 20.42 -10.28
CA ALA A 623 -2.13 21.32 -11.25
C ALA A 623 -3.40 21.91 -10.69
N GLY A 624 -3.72 23.11 -11.16
CA GLY A 624 -4.88 23.84 -10.67
C GLY A 624 -4.50 24.87 -9.63
N ASP A 625 -5.49 25.65 -9.21
CA ASP A 625 -5.22 26.73 -8.30
C ASP A 625 -6.26 26.92 -7.20
N THR A 626 -6.91 25.82 -6.81
CA THR A 626 -7.79 25.80 -5.64
C THR A 626 -6.94 25.92 -4.39
N PRO A 627 -7.40 26.69 -3.39
CA PRO A 627 -6.65 26.80 -2.14
C PRO A 627 -6.35 25.41 -1.53
N LEU A 628 -5.12 25.24 -1.06
CA LEU A 628 -4.65 23.98 -0.48
C LEU A 628 -5.67 23.44 0.52
N GLU A 629 -6.22 24.35 1.32
CA GLU A 629 -7.15 24.00 2.38
C GLU A 629 -8.47 23.45 1.88
N ALA A 630 -8.90 23.92 0.72
CA ALA A 630 -10.17 23.48 0.17
C ALA A 630 -10.02 22.09 -0.42
N LEU A 631 -8.84 21.83 -0.97
CA LEU A 631 -8.55 20.50 -1.46
C LEU A 631 -8.50 19.54 -0.30
N ALA A 632 -7.72 19.89 0.72
CA ALA A 632 -7.64 19.04 1.91
C ALA A 632 -9.03 18.70 2.45
N HIS A 633 -9.83 19.76 2.64
CA HIS A 633 -11.20 19.62 3.11
C HIS A 633 -12.02 18.62 2.29
N GLN A 634 -11.88 18.69 0.96
CA GLN A 634 -12.74 17.86 0.12
C GLN A 634 -12.23 16.42 0.09
N ILE A 635 -10.93 16.23 -0.09
CA ILE A 635 -10.30 14.91 0.04
C ILE A 635 -10.77 14.23 1.33
N PHE A 636 -10.54 14.91 2.44
CA PHE A 636 -10.91 14.42 3.76
C PHE A 636 -12.36 13.97 3.77
N HIS A 637 -13.28 14.82 3.30
CA HIS A 637 -14.68 14.41 3.33
C HIS A 637 -14.95 13.22 2.42
N LEU A 638 -14.29 13.17 1.27
CA LEU A 638 -14.46 12.05 0.35
C LEU A 638 -14.03 10.71 0.94
N THR A 639 -13.08 10.75 1.87
CA THR A 639 -12.74 9.55 2.65
C THR A 639 -13.97 8.86 3.21
N ARG A 640 -14.97 9.64 3.60
CA ARG A 640 -16.14 9.13 4.31
C ARG A 640 -17.25 8.61 3.40
N LEU A 641 -17.04 8.68 2.09
CA LEU A 641 -18.11 8.45 1.12
C LEU A 641 -18.22 6.99 0.69
N TYR A 642 -17.29 6.15 1.15
CA TYR A 642 -17.25 4.76 0.70
C TYR A 642 -18.37 3.94 1.31
N PRO A 643 -19.20 3.32 0.46
CA PRO A 643 -20.42 2.60 0.89
C PRO A 643 -20.17 1.24 1.53
N ALA A 644 -19.14 0.53 1.08
CA ALA A 644 -18.99 -0.90 1.39
C ALA A 644 -18.22 -1.25 2.66
N SER A 645 -17.76 -0.24 3.40
CA SER A 645 -16.95 -0.49 4.59
C SER A 645 -17.74 -0.48 5.89
N GLY A 646 -18.78 0.34 5.97
CA GLY A 646 -19.75 0.23 7.04
C GLY A 646 -19.37 0.70 8.44
N PHE A 647 -18.25 0.22 8.97
CA PHE A 647 -17.88 0.52 10.36
C PHE A 647 -16.53 1.21 10.50
N ALA A 648 -15.83 1.37 9.37
CA ALA A 648 -14.54 2.01 9.36
C ALA A 648 -14.37 2.66 8.01
N PHE A 649 -13.80 3.86 8.00
CA PHE A 649 -13.55 4.55 6.74
C PHE A 649 -12.20 4.17 6.15
N PRO A 650 -12.14 4.11 4.81
CA PRO A 650 -10.85 3.86 4.16
C PRO A 650 -9.92 5.04 4.38
N ARG A 651 -8.63 4.82 4.23
CA ARG A 651 -7.67 5.90 4.40
C ARG A 651 -7.68 6.71 3.13
N LEU A 652 -8.11 6.09 2.04
CA LEU A 652 -8.15 6.78 0.76
C LEU A 652 -9.55 7.33 0.52
N PRO A 653 -9.64 8.45 -0.21
CA PRO A 653 -10.89 9.04 -0.69
C PRO A 653 -11.63 8.06 -1.58
N ALA A 654 -12.94 7.94 -1.37
CA ALA A 654 -13.78 6.96 -2.07
C ALA A 654 -13.41 6.74 -3.54
N PRO A 655 -13.12 7.82 -4.30
CA PRO A 655 -12.82 7.53 -5.72
C PRO A 655 -11.51 6.75 -5.91
N LEU A 656 -10.48 7.09 -5.14
CA LEU A 656 -9.20 6.37 -5.21
C LEU A 656 -9.25 4.96 -4.62
N HIS A 657 -10.05 4.78 -3.57
CA HIS A 657 -10.23 3.46 -2.96
C HIS A 657 -11.04 2.55 -3.89
N LEU A 658 -12.01 3.15 -4.58
CA LEU A 658 -12.81 2.42 -5.56
C LEU A 658 -11.96 2.07 -6.75
N ALA A 659 -11.16 3.03 -7.21
CA ALA A 659 -10.31 2.80 -8.38
C ALA A 659 -9.33 1.68 -8.09
N ASP A 660 -8.72 1.71 -6.90
CA ASP A 660 -7.87 0.62 -6.43
C ASP A 660 -8.56 -0.74 -6.46
N ARG A 661 -9.71 -0.83 -5.79
CA ARG A 661 -10.46 -2.07 -5.71
C ARG A 661 -10.79 -2.56 -7.12
N LEU A 662 -11.10 -1.60 -7.99
CA LEU A 662 -11.55 -1.87 -9.35
C LEU A 662 -10.46 -2.44 -10.22
N VAL A 663 -9.29 -1.82 -10.22
CA VAL A 663 -8.20 -2.38 -11.02
C VAL A 663 -7.65 -3.67 -10.41
N LYS A 664 -7.87 -3.91 -9.12
CA LYS A 664 -7.41 -5.20 -8.59
C LYS A 664 -8.39 -6.29 -8.99
N GLU A 665 -9.67 -5.94 -8.99
CA GLU A 665 -10.68 -6.91 -9.38
C GLU A 665 -10.55 -7.21 -10.85
N VAL A 666 -10.38 -6.17 -11.66
CA VAL A 666 -10.31 -6.37 -13.10
C VAL A 666 -9.04 -7.15 -13.41
N GLY A 667 -7.98 -6.85 -12.67
CA GLY A 667 -6.72 -7.57 -12.83
C GLY A 667 -6.82 -9.01 -12.38
N ARG A 668 -7.86 -9.31 -11.62
CA ARG A 668 -8.04 -10.65 -11.05
C ARG A 668 -8.98 -11.52 -11.87
N LEU A 669 -10.06 -10.91 -12.33
CA LEU A 669 -11.12 -11.58 -13.05
C LEU A 669 -10.93 -11.48 -14.56
N GLY A 670 -10.26 -10.41 -14.98
CA GLY A 670 -10.14 -10.07 -16.38
C GLY A 670 -11.11 -8.98 -16.81
N ILE A 671 -11.04 -8.58 -18.07
CA ILE A 671 -11.84 -7.46 -18.58
C ILE A 671 -13.09 -7.92 -19.32
N ARG A 672 -13.10 -9.18 -19.69
CA ARG A 672 -14.26 -9.74 -20.37
C ARG A 672 -15.33 -9.83 -19.25
N HIS A 673 -16.57 -10.11 -19.62
CA HIS A 673 -17.75 -10.30 -18.77
C HIS A 673 -18.17 -8.96 -18.13
N LEU A 674 -17.75 -7.82 -18.68
CA LEU A 674 -18.18 -6.56 -18.08
C LEU A 674 -19.04 -5.76 -19.04
N LYS A 675 -19.37 -6.37 -20.17
CA LYS A 675 -20.17 -5.70 -21.20
C LYS A 675 -21.59 -5.41 -20.68
N GLU A 676 -22.08 -6.33 -19.86
CA GLU A 676 -23.43 -6.25 -19.35
C GLU A 676 -23.56 -5.71 -17.94
N VAL A 677 -22.52 -5.03 -17.46
CA VAL A 677 -22.61 -4.44 -16.15
C VAL A 677 -22.77 -2.93 -16.05
N ASP A 678 -23.92 -2.48 -15.56
CA ASP A 678 -24.12 -1.03 -15.40
C ASP A 678 -22.91 -0.53 -14.63
N ARG A 679 -22.39 0.63 -15.00
CA ARG A 679 -21.24 1.22 -14.30
C ARG A 679 -21.63 1.87 -12.98
N GLU A 680 -22.89 1.75 -12.62
CA GLU A 680 -23.30 2.26 -11.32
C GLU A 680 -23.37 1.17 -10.27
N LYS A 681 -23.22 -0.06 -10.72
CA LYS A 681 -23.19 -1.21 -9.85
C LYS A 681 -21.73 -1.50 -9.48
N LEU A 682 -21.32 -1.15 -8.27
CA LEU A 682 -19.92 -1.29 -7.88
C LEU A 682 -19.60 -2.76 -7.60
N PHE A 683 -19.50 -3.53 -8.68
CA PHE A 683 -19.37 -4.99 -8.61
C PHE A 683 -18.14 -5.48 -7.85
N PHE A 684 -17.23 -4.58 -7.54
CA PHE A 684 -15.87 -4.95 -7.15
C PHE A 684 -15.54 -4.64 -5.69
N VAL A 685 -16.51 -4.13 -4.94
CA VAL A 685 -16.29 -3.80 -3.54
C VAL A 685 -16.40 -5.02 -2.63
#